data_3VMA
#
_entry.id   3VMA
#
_cell.length_a   62.900
_cell.length_b   289.530
_cell.length_c   62.780
_cell.angle_alpha   90.00
_cell.angle_beta   90.00
_cell.angle_gamma   90.00
#
_symmetry.space_group_name_H-M   'P 21 21 2'
#
loop_
_entity.id
_entity.type
_entity.pdbx_description
1 polymer 'Penicillin-binding protein 1B'
2 non-polymer MOENOMYCIN
3 water water
#
_entity_poly.entity_id   1
_entity_poly.type   'polypeptide(L)'
_entity_poly.pdbx_seq_one_letter_code
;MGSSHHHHHHSSGLVPRGSHMKPRGKRGWLWLLLKLAIVFAVLIAIYGVYLDQKIRSRIDGKVWQLPAAVYGRMVNLEPD
MTISKNEMVKLLEATQYRQVSKMTRPGEFTVQANSIEMIRRPFDFPDSKEGQVRARLTFDGDHLATIVNMENNRQFGFFR
LDPRLITMISSPNGEQRLFVPRSGFPDLLVDTLLATEDRHFYEHDGISLYSIGRAVLANLTAGRTVQGASTLTQQLVKNL
FLSSERSYWRKANEAYMALIMDARYSKDRILELYMNEVYLGQSGDNEIRGFPLASLYYFGRPVEELSLDQQALLVGMVKG
ASIYNPWRNPKLALERRNLVLRLLQQQQIIDQELYDMLSARPLGVQPRGGVISPQPAFMQLVRQELQAKLGDKVKDLSGV
KIFTTFDSVAQDAAEKAAVEGIPALKKQRKLSDLETAIVVVDRFSGEVRAMVGGSEPQFAGYNRAMQARRSIGSLAKPAT
YLTALSQPKIYRLNTWIADAPIALRQPNGQVWSPQNDDRRYSESGRVMLVDALTRSMNVPTVNLGMALGLPAVTETWIKL
GVPKDQLHPVPAMLLGALNLTPIEVAQAFQTIASGGNRAPLSALRSVIAEDGKVLYQSFPQAERAVPAQAAYLTLWTMQQ
VVQRGTGRQLGAKYPNLHLAGKTGTTNNNVDTWFAGIDGSTVTITWVGRDNNQPTKLYGASGAMSIYQRYLANQTPTPLN
LVPPEDIADMGVDYDGNFVCSGGMRILPVWTSDPQSLCQQSEMQQQPS
;
_entity_poly.pdbx_strand_id   A
#
loop_
_chem_comp.id
_chem_comp.type
_chem_comp.name
_chem_comp.formula
M0E non-polymer MOENOMYCIN 'C69 H106 N5 O34 P'
#
# COMPACT_ATOMS: atom_id res chain seq x y z
N LEU A 36 58.33 -31.62 -30.26
CA LEU A 36 57.31 -30.60 -30.08
C LEU A 36 57.39 -29.93 -28.72
N ALA A 37 56.57 -28.90 -28.53
CA ALA A 37 56.45 -28.23 -27.24
C ALA A 37 55.09 -28.56 -26.64
N ILE A 38 54.81 -29.85 -26.50
CA ILE A 38 53.51 -30.32 -26.04
C ILE A 38 53.18 -29.82 -24.64
N VAL A 39 54.19 -29.27 -23.96
CA VAL A 39 53.98 -28.68 -22.64
C VAL A 39 52.94 -27.57 -22.73
N PHE A 40 52.64 -27.16 -23.96
CA PHE A 40 51.61 -26.14 -24.18
C PHE A 40 50.26 -26.65 -23.67
N ALA A 41 49.98 -27.92 -23.93
CA ALA A 41 48.76 -28.55 -23.42
C ALA A 41 48.82 -28.63 -21.90
N VAL A 42 49.98 -28.35 -21.34
CA VAL A 42 50.16 -28.40 -19.89
C VAL A 42 49.82 -27.06 -19.24
N LEU A 43 50.40 -25.96 -19.72
CA LEU A 43 50.11 -24.66 -19.14
C LEU A 43 48.68 -24.20 -19.45
N ILE A 44 48.02 -24.88 -20.37
CA ILE A 44 46.61 -24.63 -20.62
C ILE A 44 45.77 -25.49 -19.69
N ALA A 45 46.30 -26.66 -19.35
CA ALA A 45 45.65 -27.57 -18.41
C ALA A 45 45.65 -26.96 -17.02
N ILE A 46 46.79 -26.37 -16.63
CA ILE A 46 46.90 -25.69 -15.35
C ILE A 46 46.09 -24.40 -15.36
N TYR A 47 46.04 -23.76 -16.52
CA TYR A 47 45.24 -22.56 -16.70
C TYR A 47 43.77 -22.91 -16.59
N GLY A 48 43.45 -24.16 -16.90
CA GLY A 48 42.09 -24.66 -16.77
C GLY A 48 41.78 -25.07 -15.35
N VAL A 49 42.73 -25.76 -14.72
CA VAL A 49 42.57 -26.16 -13.33
C VAL A 49 42.44 -24.93 -12.43
N TYR A 50 43.28 -23.93 -12.68
CA TYR A 50 43.25 -22.69 -11.91
C TYR A 50 42.04 -21.84 -12.31
N LEU A 51 41.50 -22.11 -13.49
CA LEU A 51 40.25 -21.48 -13.92
C LEU A 51 39.11 -22.05 -13.08
N ASP A 52 39.15 -23.36 -12.87
CA ASP A 52 38.16 -24.04 -12.06
C ASP A 52 38.11 -23.44 -10.66
N GLN A 53 39.26 -22.91 -10.23
CA GLN A 53 39.37 -22.28 -8.92
C GLN A 53 38.45 -21.06 -8.81
N LYS A 54 38.22 -20.42 -9.95
CA LYS A 54 37.38 -19.21 -9.98
C LYS A 54 35.91 -19.54 -10.21
N ILE A 55 35.65 -20.64 -10.91
CA ILE A 55 34.29 -21.10 -11.13
C ILE A 55 33.83 -21.91 -9.91
N ARG A 56 34.49 -21.68 -8.78
CA ARG A 56 34.13 -22.33 -7.53
C ARG A 56 33.77 -21.30 -6.47
N SER A 57 34.71 -20.41 -6.17
CA SER A 57 34.48 -19.35 -5.19
C SER A 57 33.27 -18.51 -5.59
N ARG A 58 32.95 -18.54 -6.88
CA ARG A 58 31.84 -17.78 -7.43
C ARG A 58 30.52 -18.51 -7.24
N ILE A 59 30.44 -19.74 -7.74
CA ILE A 59 29.20 -20.50 -7.73
C ILE A 59 28.95 -21.21 -6.40
N ASP A 60 30.01 -21.54 -5.68
CA ASP A 60 29.89 -22.10 -4.34
C ASP A 60 29.73 -20.97 -3.33
N GLY A 61 28.62 -20.24 -3.44
CA GLY A 61 28.35 -19.13 -2.56
C GLY A 61 27.56 -18.04 -3.26
N LYS A 62 27.92 -16.79 -2.99
CA LYS A 62 27.24 -15.65 -3.62
C LYS A 62 27.55 -15.56 -5.10
N VAL A 63 26.65 -16.12 -5.92
CA VAL A 63 26.74 -15.94 -7.36
C VAL A 63 26.44 -14.48 -7.70
N TRP A 64 25.40 -13.93 -7.07
CA TRP A 64 25.05 -12.52 -7.25
C TRP A 64 24.72 -11.85 -5.93
N GLN A 65 24.85 -10.52 -5.91
CA GLN A 65 24.24 -9.71 -4.88
C GLN A 65 22.77 -9.56 -5.27
N LEU A 66 21.89 -10.21 -4.51
CA LEU A 66 20.47 -10.21 -4.82
C LEU A 66 19.75 -9.12 -4.03
N PRO A 67 19.06 -8.22 -4.74
CA PRO A 67 18.33 -7.10 -4.15
C PRO A 67 17.22 -7.58 -3.22
N ALA A 68 16.81 -6.74 -2.30
CA ALA A 68 15.74 -7.09 -1.37
C ALA A 68 14.39 -6.99 -2.07
N ALA A 69 13.54 -7.99 -1.86
CA ALA A 69 12.21 -7.99 -2.44
C ALA A 69 11.20 -7.37 -1.49
N VAL A 70 10.38 -6.46 -1.99
CA VAL A 70 9.37 -5.82 -1.15
C VAL A 70 7.97 -6.32 -1.49
N TYR A 71 7.32 -6.93 -0.50
CA TYR A 71 5.99 -7.48 -0.68
C TYR A 71 4.93 -6.67 0.05
N GLY A 72 3.72 -6.67 -0.49
CA GLY A 72 2.58 -6.03 0.15
C GLY A 72 2.04 -6.90 1.27
N ARG A 73 0.81 -6.63 1.69
CA ARG A 73 0.24 -7.36 2.80
C ARG A 73 -0.18 -8.78 2.40
N MET A 74 -0.02 -9.70 3.35
CA MET A 74 -0.53 -11.05 3.23
C MET A 74 -1.88 -11.06 3.91
N VAL A 75 -2.92 -11.39 3.15
CA VAL A 75 -4.26 -11.42 3.70
C VAL A 75 -4.64 -12.83 4.08
N ASN A 76 -5.18 -13.00 5.28
CA ASN A 76 -5.77 -14.27 5.66
C ASN A 76 -7.27 -14.17 5.53
N LEU A 77 -7.87 -15.15 4.87
CA LEU A 77 -9.32 -15.23 4.77
C LEU A 77 -9.83 -16.21 5.82
N GLU A 78 -10.99 -15.91 6.39
CA GLU A 78 -11.58 -16.75 7.41
C GLU A 78 -13.09 -16.88 7.17
N PRO A 79 -13.68 -18.01 7.55
CA PRO A 79 -15.14 -18.12 7.45
C PRO A 79 -15.79 -17.10 8.37
N ASP A 80 -16.95 -16.59 7.95
CA ASP A 80 -17.69 -15.58 8.70
C ASP A 80 -17.05 -14.20 8.62
N MET A 81 -16.18 -14.02 7.63
CA MET A 81 -15.54 -12.74 7.35
C MET A 81 -16.48 -11.81 6.59
N THR A 82 -16.53 -10.54 6.99
CA THR A 82 -17.39 -9.57 6.30
C THR A 82 -16.73 -9.10 5.00
N ILE A 83 -17.01 -9.81 3.93
CA ILE A 83 -16.50 -9.45 2.62
C ILE A 83 -17.53 -9.93 1.62
N SER A 84 -17.51 -9.37 0.43
CA SER A 84 -18.42 -9.79 -0.61
C SER A 84 -17.63 -10.40 -1.76
N LYS A 85 -18.33 -11.06 -2.65
CA LYS A 85 -17.71 -11.71 -3.79
C LYS A 85 -17.02 -10.69 -4.70
N ASN A 86 -17.74 -9.64 -5.07
CA ASN A 86 -17.17 -8.56 -5.89
C ASN A 86 -15.97 -7.94 -5.21
N GLU A 87 -16.04 -7.84 -3.89
CA GLU A 87 -14.95 -7.33 -3.10
C GLU A 87 -13.76 -8.30 -3.20
N MET A 88 -14.06 -9.60 -3.20
CA MET A 88 -13.01 -10.62 -3.27
C MET A 88 -12.36 -10.66 -4.65
N VAL A 89 -13.17 -10.54 -5.70
CA VAL A 89 -12.65 -10.41 -7.06
C VAL A 89 -11.59 -9.30 -7.16
N LYS A 90 -11.92 -8.13 -6.65
CA LYS A 90 -11.01 -7.00 -6.71
C LYS A 90 -9.70 -7.28 -5.97
N LEU A 91 -9.79 -7.93 -4.82
CA LEU A 91 -8.59 -8.28 -4.06
C LEU A 91 -7.74 -9.27 -4.85
N LEU A 92 -8.39 -10.21 -5.53
CA LEU A 92 -7.66 -11.18 -6.34
C LEU A 92 -6.97 -10.52 -7.53
N GLU A 93 -7.69 -9.67 -8.25
CA GLU A 93 -7.11 -8.99 -9.40
C GLU A 93 -6.00 -8.04 -8.97
N ALA A 94 -6.16 -7.45 -7.80
CA ALA A 94 -5.13 -6.56 -7.27
C ALA A 94 -3.90 -7.36 -6.83
N THR A 95 -4.08 -8.67 -6.65
CA THR A 95 -2.98 -9.53 -6.22
C THR A 95 -2.47 -10.35 -7.39
N GLN A 96 -2.64 -9.80 -8.59
CA GLN A 96 -2.13 -10.41 -9.83
C GLN A 96 -2.83 -11.70 -10.24
N TYR A 97 -4.05 -11.91 -9.75
CA TYR A 97 -4.84 -13.06 -10.19
C TYR A 97 -5.63 -12.70 -11.44
N ARG A 98 -5.95 -13.71 -12.25
CA ARG A 98 -6.64 -13.49 -13.51
C ARG A 98 -7.95 -14.27 -13.56
N GLN A 99 -9.03 -13.60 -13.92
CA GLN A 99 -10.31 -14.26 -14.05
C GLN A 99 -10.42 -14.94 -15.39
N VAL A 100 -10.86 -16.20 -15.40
CA VAL A 100 -10.92 -16.99 -16.61
C VAL A 100 -12.21 -17.80 -16.69
N SER A 101 -12.39 -18.48 -17.81
CA SER A 101 -13.55 -19.35 -18.03
C SER A 101 -13.31 -20.71 -17.39
N LYS A 102 -12.18 -21.32 -17.71
CA LYS A 102 -11.78 -22.60 -17.12
C LYS A 102 -10.37 -22.51 -16.56
N MET A 103 -10.20 -22.95 -15.31
CA MET A 103 -8.91 -22.88 -14.64
C MET A 103 -7.99 -24.00 -15.10
N THR A 104 -6.69 -23.70 -15.14
CA THR A 104 -5.67 -24.64 -15.59
C THR A 104 -4.33 -24.39 -14.89
N ARG A 105 -4.08 -23.14 -14.51
CA ARG A 105 -2.78 -22.73 -13.97
C ARG A 105 -2.93 -21.95 -12.67
N PRO A 106 -1.83 -21.83 -11.90
CA PRO A 106 -1.85 -21.01 -10.70
C PRO A 106 -2.14 -19.56 -11.05
N GLY A 107 -2.59 -18.79 -10.06
CA GLY A 107 -2.86 -17.37 -10.26
C GLY A 107 -4.11 -17.11 -11.06
N GLU A 108 -5.01 -18.09 -11.09
CA GLU A 108 -6.25 -17.93 -11.85
C GLU A 108 -7.48 -18.16 -10.96
N PHE A 109 -8.63 -17.69 -11.42
CA PHE A 109 -9.87 -17.91 -10.69
C PHE A 109 -11.11 -17.78 -11.55
N THR A 110 -12.19 -18.42 -11.13
CA THR A 110 -13.45 -18.35 -11.84
C THR A 110 -14.53 -17.84 -10.93
N VAL A 111 -15.48 -17.12 -11.50
CA VAL A 111 -16.59 -16.57 -10.74
C VAL A 111 -17.88 -17.32 -11.06
N GLN A 112 -18.67 -17.57 -10.03
CA GLN A 112 -19.99 -18.14 -10.20
C GLN A 112 -20.97 -17.25 -9.45
N ALA A 113 -22.25 -17.57 -9.52
CA ALA A 113 -23.29 -16.78 -8.88
C ALA A 113 -22.95 -16.39 -7.44
N ASN A 114 -22.62 -17.39 -6.62
CA ASN A 114 -22.43 -17.15 -5.19
C ASN A 114 -21.07 -17.59 -4.65
N SER A 115 -20.08 -17.67 -5.52
CA SER A 115 -18.76 -18.14 -5.08
C SER A 115 -17.68 -17.91 -6.13
N ILE A 116 -16.44 -18.04 -5.69
CA ILE A 116 -15.29 -18.01 -6.58
C ILE A 116 -14.49 -19.28 -6.37
N GLU A 117 -13.88 -19.77 -7.44
CA GLU A 117 -12.94 -20.88 -7.36
C GLU A 117 -11.60 -20.37 -7.83
N MET A 118 -10.56 -20.56 -7.04
CA MET A 118 -9.24 -20.11 -7.44
C MET A 118 -8.15 -21.17 -7.24
N ILE A 119 -7.04 -21.00 -7.95
CA ILE A 119 -5.84 -21.73 -7.63
C ILE A 119 -4.83 -20.78 -7.00
N ARG A 120 -4.87 -20.71 -5.68
CA ARG A 120 -3.88 -19.94 -4.93
C ARG A 120 -2.49 -20.43 -5.30
N ARG A 121 -1.67 -19.53 -5.82
CA ARG A 121 -0.32 -19.87 -6.24
C ARG A 121 0.58 -20.19 -5.06
N PRO A 122 1.69 -20.92 -5.30
CA PRO A 122 2.63 -21.26 -4.25
C PRO A 122 3.39 -20.04 -3.72
N PHE A 123 3.70 -20.02 -2.43
CA PHE A 123 4.48 -18.92 -1.88
C PHE A 123 5.22 -19.35 -0.62
N ASP A 124 6.42 -18.82 -0.45
CA ASP A 124 7.22 -19.11 0.72
C ASP A 124 6.82 -18.18 1.86
N PHE A 125 5.66 -18.46 2.47
CA PHE A 125 5.21 -17.69 3.63
C PHE A 125 6.20 -17.90 4.76
N PRO A 126 6.64 -16.80 5.39
CA PRO A 126 7.53 -16.93 6.55
C PRO A 126 7.04 -18.01 7.50
N ASP A 127 5.74 -17.98 7.80
CA ASP A 127 5.15 -18.90 8.76
C ASP A 127 5.24 -20.37 8.34
N SER A 128 5.18 -20.63 7.04
CA SER A 128 5.23 -21.99 6.53
C SER A 128 5.05 -21.99 5.01
N LYS A 129 6.03 -22.53 4.31
CA LYS A 129 5.98 -22.60 2.85
C LYS A 129 4.74 -23.38 2.38
N GLU A 130 4.16 -22.94 1.26
CA GLU A 130 2.96 -23.56 0.75
C GLU A 130 3.03 -23.74 -0.77
N GLY A 131 2.43 -24.82 -1.26
CA GLY A 131 2.29 -25.03 -2.68
C GLY A 131 0.97 -24.46 -3.16
N GLN A 132 0.55 -24.84 -4.37
CA GLN A 132 -0.73 -24.45 -4.90
C GLN A 132 -1.85 -25.03 -4.06
N VAL A 133 -2.99 -24.34 -4.06
CA VAL A 133 -4.20 -24.86 -3.43
C VAL A 133 -5.39 -24.45 -4.27
N ARG A 134 -6.22 -25.42 -4.63
CA ARG A 134 -7.42 -25.16 -5.38
C ARG A 134 -8.55 -25.03 -4.37
N ALA A 135 -9.07 -23.82 -4.21
CA ALA A 135 -10.07 -23.58 -3.18
C ALA A 135 -11.33 -22.98 -3.76
N ARG A 136 -12.46 -23.24 -3.11
CA ARG A 136 -13.65 -22.47 -3.38
C ARG A 136 -14.02 -21.62 -2.18
N LEU A 137 -14.12 -20.33 -2.43
CA LEU A 137 -14.69 -19.42 -1.46
C LEU A 137 -16.18 -19.28 -1.83
N THR A 138 -17.06 -19.59 -0.88
CA THR A 138 -18.49 -19.48 -1.09
C THR A 138 -19.01 -18.31 -0.29
N PHE A 139 -19.89 -17.52 -0.90
CA PHE A 139 -20.40 -16.31 -0.27
C PHE A 139 -21.87 -16.42 0.07
N ASP A 140 -22.20 -16.03 1.29
CA ASP A 140 -23.58 -15.98 1.72
C ASP A 140 -24.00 -14.51 1.82
N GLY A 141 -24.07 -13.86 0.66
CA GLY A 141 -24.47 -12.47 0.60
C GLY A 141 -23.43 -11.48 1.10
N ASP A 142 -23.45 -11.24 2.40
CA ASP A 142 -22.62 -10.20 3.00
C ASP A 142 -21.24 -10.68 3.44
N HIS A 143 -21.12 -11.97 3.76
CA HIS A 143 -19.88 -12.50 4.29
C HIS A 143 -19.37 -13.75 3.56
N LEU A 144 -18.17 -14.17 3.92
CA LEU A 144 -17.58 -15.42 3.44
C LEU A 144 -18.20 -16.53 4.24
N ALA A 145 -18.97 -17.40 3.59
CA ALA A 145 -19.57 -18.52 4.30
C ALA A 145 -18.52 -19.62 4.57
N THR A 146 -18.00 -20.21 3.49
CA THR A 146 -17.02 -21.29 3.63
C THR A 146 -15.82 -21.08 2.73
N ILE A 147 -14.75 -21.81 3.04
CA ILE A 147 -13.62 -21.97 2.14
C ILE A 147 -13.28 -23.46 2.12
N VAL A 148 -13.33 -24.07 0.94
CA VAL A 148 -13.24 -25.52 0.83
C VAL A 148 -12.10 -25.93 -0.08
N ASN A 149 -11.21 -26.76 0.45
CA ASN A 149 -10.13 -27.35 -0.33
C ASN A 149 -10.74 -28.25 -1.37
N MET A 150 -10.54 -27.91 -2.64
CA MET A 150 -11.11 -28.70 -3.73
C MET A 150 -10.49 -30.09 -3.82
N GLU A 151 -9.33 -30.26 -3.19
CA GLU A 151 -8.64 -31.54 -3.20
C GLU A 151 -9.40 -32.60 -2.42
N ASN A 152 -9.65 -32.32 -1.14
CA ASN A 152 -10.33 -33.27 -0.27
C ASN A 152 -11.76 -32.87 0.10
N ASN A 153 -12.23 -31.75 -0.48
CA ASN A 153 -13.60 -31.28 -0.24
C ASN A 153 -13.86 -30.86 1.21
N ARG A 154 -12.79 -30.51 1.93
CA ARG A 154 -12.92 -30.11 3.33
C ARG A 154 -12.73 -28.61 3.53
N GLN A 155 -13.21 -28.10 4.67
CA GLN A 155 -13.11 -26.68 4.99
C GLN A 155 -11.78 -26.27 5.61
N PHE A 156 -11.30 -25.09 5.23
CA PHE A 156 -10.20 -24.42 5.91
C PHE A 156 -10.76 -23.57 7.04
N GLY A 157 -9.96 -23.40 8.10
CA GLY A 157 -10.34 -22.54 9.20
C GLY A 157 -9.88 -21.14 8.93
N PHE A 158 -8.81 -21.05 8.14
CA PHE A 158 -8.34 -19.79 7.58
C PHE A 158 -7.53 -20.16 6.34
N PHE A 159 -7.44 -19.23 5.41
CA PHE A 159 -6.84 -19.51 4.11
C PHE A 159 -5.94 -18.33 3.78
N ARG A 160 -4.71 -18.61 3.36
CA ARG A 160 -3.75 -17.55 3.13
C ARG A 160 -3.73 -17.12 1.68
N LEU A 161 -3.82 -15.82 1.44
CA LEU A 161 -3.59 -15.28 0.11
C LEU A 161 -2.13 -14.82 0.07
N ASP A 162 -1.42 -15.13 -1.01
CA ASP A 162 -0.02 -14.70 -1.16
C ASP A 162 0.05 -13.17 -1.32
N PRO A 163 1.19 -12.57 -0.95
CA PRO A 163 1.41 -11.12 -1.07
C PRO A 163 1.91 -10.72 -2.46
N ARG A 164 1.50 -9.56 -2.95
CA ARG A 164 1.99 -9.11 -4.26
C ARG A 164 3.39 -8.52 -4.14
N LEU A 165 4.24 -8.79 -5.12
CA LEU A 165 5.55 -8.16 -5.18
C LEU A 165 5.37 -6.70 -5.59
N ILE A 166 5.75 -5.79 -4.70
CA ILE A 166 5.57 -4.38 -4.99
C ILE A 166 6.74 -3.87 -5.80
N THR A 167 7.95 -4.15 -5.32
CA THR A 167 9.16 -3.65 -5.95
C THR A 167 10.39 -4.32 -5.39
N MET A 168 11.54 -3.91 -5.90
CA MET A 168 12.82 -4.35 -5.37
C MET A 168 13.51 -3.13 -4.80
N ILE A 169 14.47 -3.35 -3.92
CA ILE A 169 15.30 -2.25 -3.43
C ILE A 169 16.59 -2.22 -4.22
N SER A 170 16.76 -1.16 -5.02
CA SER A 170 17.94 -0.99 -5.88
C SER A 170 19.18 -1.75 -5.42
N SER A 171 19.76 -2.53 -6.32
CA SER A 171 21.00 -3.24 -6.05
C SER A 171 22.18 -2.40 -6.52
N PRO A 172 23.25 -2.35 -5.70
CA PRO A 172 24.45 -1.56 -6.01
C PRO A 172 24.98 -1.88 -7.40
N ASN A 173 24.91 -3.15 -7.78
CA ASN A 173 25.36 -3.61 -9.10
C ASN A 173 24.72 -2.82 -10.23
N GLY A 174 23.51 -2.35 -10.00
CA GLY A 174 22.70 -1.78 -11.06
C GLY A 174 21.97 -2.91 -11.76
N GLU A 175 22.29 -4.14 -11.37
CA GLU A 175 21.68 -5.33 -11.94
C GLU A 175 20.68 -5.95 -10.98
N GLN A 176 19.41 -5.99 -11.40
CA GLN A 176 18.32 -6.45 -10.54
C GLN A 176 17.87 -7.87 -10.89
N ARG A 177 17.82 -8.74 -9.90
CA ARG A 177 17.41 -10.12 -10.09
C ARG A 177 16.41 -10.60 -9.05
N LEU A 178 15.55 -11.52 -9.44
CA LEU A 178 14.66 -12.20 -8.50
C LEU A 178 14.90 -13.70 -8.63
N PHE A 179 15.67 -14.26 -7.70
CA PHE A 179 16.06 -15.65 -7.78
C PHE A 179 14.87 -16.62 -7.69
N VAL A 180 14.84 -17.57 -8.61
CA VAL A 180 13.85 -18.64 -8.60
C VAL A 180 14.55 -19.96 -8.95
N PRO A 181 14.34 -21.00 -8.13
CA PRO A 181 15.00 -22.30 -8.31
C PRO A 181 14.62 -22.96 -9.63
N ARG A 182 15.29 -24.05 -9.98
CA ARG A 182 15.01 -24.76 -11.22
C ARG A 182 13.53 -25.11 -11.31
N SER A 183 13.03 -25.84 -10.32
CA SER A 183 11.63 -26.29 -10.32
C SER A 183 10.63 -25.16 -10.57
N GLY A 184 10.97 -23.94 -10.13
CA GLY A 184 10.08 -22.81 -10.25
C GLY A 184 9.76 -22.40 -11.67
N PHE A 185 10.51 -22.95 -12.64
CA PHE A 185 10.31 -22.62 -14.04
C PHE A 185 9.42 -23.64 -14.74
N PRO A 186 8.41 -23.17 -15.49
CA PRO A 186 7.47 -24.04 -16.20
C PRO A 186 8.17 -24.85 -17.28
N ASP A 187 7.88 -26.14 -17.36
CA ASP A 187 8.48 -27.02 -18.35
C ASP A 187 8.55 -26.38 -19.74
N LEU A 188 7.45 -25.73 -20.13
CA LEU A 188 7.34 -25.18 -21.48
C LEU A 188 8.30 -24.02 -21.78
N LEU A 189 8.59 -23.19 -20.79
CA LEU A 189 9.53 -22.09 -21.01
C LEU A 189 10.95 -22.62 -21.10
N VAL A 190 11.19 -23.79 -20.52
CA VAL A 190 12.47 -24.45 -20.64
C VAL A 190 12.55 -25.10 -22.00
N ASP A 191 11.41 -25.59 -22.48
CA ASP A 191 11.32 -26.18 -23.80
C ASP A 191 11.45 -25.10 -24.86
N THR A 192 10.75 -23.98 -24.63
CA THR A 192 10.83 -22.84 -25.53
C THR A 192 12.25 -22.31 -25.55
N LEU A 193 12.94 -22.40 -24.42
CA LEU A 193 14.31 -21.95 -24.31
C LEU A 193 15.26 -22.89 -25.06
N LEU A 194 15.00 -24.19 -24.94
CA LEU A 194 15.83 -25.18 -25.62
C LEU A 194 15.52 -25.27 -27.11
N ALA A 195 14.25 -25.03 -27.47
CA ALA A 195 13.85 -24.99 -28.86
C ALA A 195 14.60 -23.89 -29.60
N THR A 196 15.00 -22.86 -28.85
CA THR A 196 15.76 -21.74 -29.43
C THR A 196 17.26 -21.94 -29.20
N GLU A 197 17.86 -21.03 -28.42
CA GLU A 197 19.31 -21.01 -28.21
C GLU A 197 20.00 -22.36 -28.38
N ASP A 198 19.99 -23.20 -27.34
CA ASP A 198 20.58 -24.52 -27.46
C ASP A 198 19.61 -25.48 -28.16
N ARG A 199 19.69 -25.45 -29.50
CA ARG A 199 18.70 -26.05 -30.40
C ARG A 199 17.94 -27.27 -29.89
N HIS A 200 18.65 -28.36 -29.59
CA HIS A 200 17.99 -29.55 -29.05
C HIS A 200 18.66 -30.05 -27.77
N PHE A 201 19.98 -29.89 -27.71
CA PHE A 201 20.71 -30.17 -26.49
C PHE A 201 22.00 -29.34 -26.46
N TYR A 202 23.10 -29.98 -26.06
CA TYR A 202 24.37 -29.29 -25.85
C TYR A 202 25.32 -30.24 -25.16
N GLU A 203 25.06 -31.53 -25.35
CA GLU A 203 25.68 -32.64 -24.61
C GLU A 203 26.94 -32.34 -23.76
N HIS A 204 27.82 -31.49 -24.26
CA HIS A 204 29.02 -31.13 -23.51
C HIS A 204 29.23 -29.61 -23.44
N TYR A 210 28.12 -30.56 -31.88
CA TYR A 210 28.16 -30.35 -33.32
C TYR A 210 28.00 -28.88 -33.68
N SER A 211 27.28 -28.14 -32.84
CA SER A 211 26.92 -26.76 -33.12
C SER A 211 27.98 -25.96 -33.87
N ILE A 212 29.22 -26.03 -33.43
CA ILE A 212 30.30 -25.28 -34.05
C ILE A 212 30.51 -25.71 -35.50
N GLY A 213 30.44 -27.01 -35.75
CA GLY A 213 30.58 -27.55 -37.09
C GLY A 213 29.68 -26.84 -38.08
N ARG A 214 28.39 -26.81 -37.75
CA ARG A 214 27.41 -26.09 -38.56
C ARG A 214 27.67 -24.58 -38.46
N ALA A 215 28.22 -24.00 -39.52
CA ALA A 215 28.51 -22.58 -39.57
C ALA A 215 29.23 -22.21 -40.86
N THR A 231 25.77 -24.51 -26.39
CA THR A 231 26.32 -23.17 -26.22
C THR A 231 25.59 -22.42 -25.12
N LEU A 232 24.77 -23.14 -24.35
CA LEU A 232 24.03 -22.55 -23.25
C LEU A 232 24.97 -22.30 -22.08
N THR A 233 25.80 -23.30 -21.78
CA THR A 233 26.84 -23.17 -20.78
C THR A 233 27.90 -22.19 -21.26
N GLN A 234 28.06 -22.14 -22.58
CA GLN A 234 29.01 -21.24 -23.22
C GLN A 234 28.69 -19.78 -22.91
N GLN A 235 27.40 -19.47 -22.84
CA GLN A 235 26.95 -18.10 -22.65
C GLN A 235 26.80 -17.74 -21.18
N LEU A 236 26.61 -18.75 -20.34
CA LEU A 236 26.52 -18.52 -18.91
C LEU A 236 27.79 -17.83 -18.44
N VAL A 237 28.94 -18.36 -18.88
CA VAL A 237 30.24 -17.79 -18.53
C VAL A 237 30.45 -16.44 -19.22
N LYS A 238 29.93 -16.31 -20.43
CA LYS A 238 30.05 -15.06 -21.19
C LYS A 238 29.49 -13.87 -20.42
N ASN A 239 28.31 -14.05 -19.83
CA ASN A 239 27.67 -12.99 -19.05
C ASN A 239 28.22 -12.92 -17.63
N LEU A 240 28.67 -14.05 -17.12
CA LEU A 240 29.04 -14.19 -15.72
C LEU A 240 30.50 -13.85 -15.42
N PHE A 241 31.40 -14.20 -16.35
CA PHE A 241 32.84 -14.04 -16.09
C PHE A 241 33.57 -13.09 -17.03
N LEU A 242 33.14 -13.05 -18.30
CA LEU A 242 33.94 -12.44 -19.36
C LEU A 242 33.75 -10.93 -19.55
N SER A 243 34.52 -10.38 -20.48
CA SER A 243 34.41 -8.99 -20.87
C SER A 243 33.26 -8.79 -21.86
N SER A 244 33.35 -7.74 -22.66
CA SER A 244 32.24 -7.37 -23.54
C SER A 244 32.16 -8.15 -24.85
N GLU A 245 33.09 -7.89 -25.77
CA GLU A 245 32.94 -8.36 -27.14
C GLU A 245 34.20 -8.92 -27.80
N ARG A 246 34.73 -8.15 -28.76
CA ARG A 246 35.74 -8.62 -29.70
C ARG A 246 36.92 -9.39 -29.11
N SER A 247 36.95 -10.69 -29.42
CA SER A 247 38.06 -11.56 -29.07
C SER A 247 37.77 -13.02 -29.39
N TYR A 248 38.44 -13.56 -30.40
CA TYR A 248 38.39 -14.99 -30.65
C TYR A 248 38.91 -15.69 -29.40
N TRP A 249 39.80 -15.00 -28.70
CA TRP A 249 40.34 -15.49 -27.43
C TRP A 249 39.23 -15.60 -26.41
N ARG A 250 38.33 -14.62 -26.42
CA ARG A 250 37.15 -14.66 -25.57
C ARG A 250 36.29 -15.87 -25.92
N LYS A 251 36.03 -16.05 -27.21
CA LYS A 251 35.26 -17.19 -27.70
C LYS A 251 35.85 -18.50 -27.19
N ALA A 252 37.17 -18.56 -27.11
CA ALA A 252 37.85 -19.78 -26.68
C ALA A 252 38.06 -19.81 -25.18
N ASN A 253 38.13 -18.63 -24.57
CA ASN A 253 38.29 -18.51 -23.13
C ASN A 253 37.03 -18.97 -22.42
N GLU A 254 35.89 -18.63 -23.00
CA GLU A 254 34.60 -19.09 -22.48
C GLU A 254 34.42 -20.56 -22.80
N ALA A 255 34.84 -20.95 -24.00
CA ALA A 255 34.75 -22.35 -24.43
C ALA A 255 35.49 -23.25 -23.46
N TYR A 256 36.58 -22.73 -22.90
CA TYR A 256 37.36 -23.48 -21.93
C TYR A 256 36.67 -23.48 -20.58
N MET A 257 36.06 -22.35 -20.23
CA MET A 257 35.30 -22.24 -18.99
C MET A 257 34.01 -23.06 -19.07
N ALA A 258 33.51 -23.26 -20.29
CA ALA A 258 32.27 -23.99 -20.51
C ALA A 258 32.42 -25.47 -20.18
N LEU A 259 33.49 -26.09 -20.68
CA LEU A 259 33.77 -27.49 -20.39
C LEU A 259 34.04 -27.68 -18.90
N ILE A 260 34.88 -26.82 -18.33
CA ILE A 260 35.15 -26.84 -16.90
C ILE A 260 33.87 -26.66 -16.10
N MET A 261 32.99 -25.80 -16.60
CA MET A 261 31.70 -25.56 -15.99
C MET A 261 30.82 -26.81 -16.04
N ASP A 262 30.50 -27.24 -17.25
CA ASP A 262 29.59 -28.35 -17.46
C ASP A 262 30.19 -29.68 -17.04
N ALA A 263 31.37 -29.63 -16.44
CA ALA A 263 32.04 -30.84 -15.96
C ALA A 263 31.79 -31.03 -14.47
N ARG A 264 31.80 -29.92 -13.72
CA ARG A 264 31.68 -29.98 -12.27
C ARG A 264 30.30 -29.60 -11.76
N TYR A 265 29.39 -29.28 -12.67
CA TYR A 265 28.04 -28.90 -12.27
C TYR A 265 26.95 -29.56 -13.11
N SER A 266 25.85 -29.90 -12.46
CA SER A 266 24.75 -30.65 -13.08
C SER A 266 24.08 -29.88 -14.20
N LYS A 267 23.24 -30.58 -14.96
CA LYS A 267 22.45 -29.98 -16.02
C LYS A 267 21.56 -28.88 -15.47
N ASP A 268 20.66 -29.27 -14.56
CA ASP A 268 19.68 -28.34 -14.00
C ASP A 268 20.32 -27.11 -13.38
N ARG A 269 21.51 -27.28 -12.83
CA ARG A 269 22.21 -26.18 -12.18
C ARG A 269 22.73 -25.14 -13.16
N ILE A 270 23.00 -25.57 -14.40
CA ILE A 270 23.50 -24.67 -15.43
C ILE A 270 22.42 -23.70 -15.90
N LEU A 271 21.26 -24.24 -16.25
CA LEU A 271 20.19 -23.38 -16.74
C LEU A 271 19.46 -22.69 -15.59
N GLU A 272 19.62 -23.22 -14.38
CA GLU A 272 19.10 -22.55 -13.19
C GLU A 272 19.83 -21.23 -12.97
N LEU A 273 21.13 -21.24 -13.27
CA LEU A 273 21.93 -20.01 -13.20
C LEU A 273 21.67 -19.14 -14.43
N TYR A 274 21.40 -19.81 -15.56
CA TYR A 274 21.19 -19.12 -16.82
C TYR A 274 19.87 -18.36 -16.84
N MET A 275 18.79 -19.00 -16.42
CA MET A 275 17.47 -18.38 -16.46
C MET A 275 17.32 -17.25 -15.43
N ASN A 276 18.38 -17.04 -14.65
CA ASN A 276 18.40 -15.94 -13.69
C ASN A 276 19.48 -14.91 -13.99
N GLU A 277 20.20 -15.10 -15.10
CA GLU A 277 21.32 -14.23 -15.46
C GLU A 277 21.05 -13.40 -16.71
N VAL A 278 20.31 -13.97 -17.65
CA VAL A 278 20.09 -13.35 -18.96
C VAL A 278 19.49 -11.95 -18.88
N TYR A 279 20.03 -11.03 -19.69
CA TYR A 279 19.52 -9.66 -19.76
C TYR A 279 18.20 -9.65 -20.53
N LEU A 280 17.16 -9.08 -19.92
CA LEU A 280 15.84 -9.10 -20.54
C LEU A 280 15.14 -7.76 -20.54
N GLY A 281 15.79 -6.74 -19.99
CA GLY A 281 15.18 -5.42 -19.98
C GLY A 281 15.99 -4.34 -19.29
N GLN A 282 15.49 -3.11 -19.38
CA GLN A 282 16.16 -1.96 -18.78
C GLN A 282 15.14 -1.03 -18.14
N SER A 283 15.14 -0.97 -16.82
CA SER A 283 14.26 -0.07 -16.10
C SER A 283 15.04 1.20 -15.73
N GLY A 284 14.99 2.19 -16.62
CA GLY A 284 15.76 3.40 -16.42
C GLY A 284 17.24 3.12 -16.54
N ASP A 285 17.91 3.02 -15.41
CA ASP A 285 19.33 2.67 -15.39
C ASP A 285 19.60 1.45 -14.50
N ASN A 286 18.59 0.59 -14.38
CA ASN A 286 18.74 -0.70 -13.71
C ASN A 286 18.54 -1.84 -14.69
N GLU A 287 19.50 -2.76 -14.72
CA GLU A 287 19.42 -3.91 -15.62
C GLU A 287 18.37 -4.89 -15.10
N ILE A 288 17.37 -5.18 -15.92
CA ILE A 288 16.40 -6.20 -15.58
C ILE A 288 16.81 -7.53 -16.22
N ARG A 289 17.41 -8.39 -15.42
CA ARG A 289 17.85 -9.69 -15.91
C ARG A 289 17.29 -10.84 -15.10
N GLY A 290 17.22 -12.01 -15.72
CA GLY A 290 16.54 -13.16 -15.15
C GLY A 290 15.11 -13.24 -15.63
N PHE A 291 14.64 -14.45 -15.93
CA PHE A 291 13.26 -14.64 -16.36
C PHE A 291 12.21 -14.30 -15.30
N PRO A 292 12.47 -14.67 -14.04
CA PRO A 292 11.52 -14.37 -12.95
C PRO A 292 11.14 -12.90 -12.89
N LEU A 293 12.11 -12.03 -12.70
CA LEU A 293 11.86 -10.60 -12.57
C LEU A 293 11.31 -10.01 -13.86
N ALA A 294 11.76 -10.55 -14.99
CA ALA A 294 11.28 -10.10 -16.30
C ALA A 294 9.80 -10.39 -16.43
N SER A 295 9.37 -11.57 -16.02
CA SER A 295 7.97 -11.95 -16.06
C SER A 295 7.11 -10.86 -15.44
N LEU A 296 7.37 -10.57 -14.16
CA LEU A 296 6.61 -9.56 -13.44
C LEU A 296 6.76 -8.19 -14.06
N TYR A 297 7.95 -7.90 -14.58
CA TYR A 297 8.23 -6.60 -15.18
C TYR A 297 7.57 -6.46 -16.55
N TYR A 298 7.49 -7.57 -17.28
CA TYR A 298 6.97 -7.57 -18.64
C TYR A 298 5.59 -8.21 -18.80
N PHE A 299 4.91 -8.48 -17.69
CA PHE A 299 3.58 -9.08 -17.76
C PHE A 299 2.79 -8.93 -16.47
N GLY A 300 3.48 -8.58 -15.38
CA GLY A 300 2.84 -8.45 -14.09
C GLY A 300 2.38 -9.80 -13.55
N ARG A 301 3.03 -10.86 -14.01
CA ARG A 301 2.72 -12.20 -13.53
C ARG A 301 3.99 -13.04 -13.36
N PRO A 302 3.97 -13.98 -12.40
CA PRO A 302 5.13 -14.80 -12.08
C PRO A 302 5.60 -15.63 -13.27
N VAL A 303 6.86 -16.05 -13.24
CA VAL A 303 7.44 -16.82 -14.33
C VAL A 303 6.70 -18.14 -14.50
N GLU A 304 6.29 -18.73 -13.38
CA GLU A 304 5.65 -20.04 -13.36
C GLU A 304 4.29 -20.04 -14.05
N GLU A 305 3.80 -18.85 -14.40
CA GLU A 305 2.43 -18.71 -14.88
C GLU A 305 2.34 -18.05 -16.24
N LEU A 306 3.47 -17.88 -16.91
CA LEU A 306 3.49 -17.30 -18.25
C LEU A 306 2.76 -18.20 -19.24
N SER A 307 1.98 -17.60 -20.12
CA SER A 307 1.39 -18.34 -21.23
C SER A 307 2.48 -18.57 -22.29
N LEU A 308 2.26 -19.53 -23.17
CA LEU A 308 3.29 -19.91 -24.14
C LEU A 308 3.75 -18.73 -24.98
N ASP A 309 2.81 -17.88 -25.39
CA ASP A 309 3.11 -16.71 -26.20
C ASP A 309 3.96 -15.71 -25.45
N GLN A 310 3.83 -15.70 -24.12
CA GLN A 310 4.63 -14.82 -23.27
C GLN A 310 6.01 -15.43 -23.02
N GLN A 311 6.08 -16.75 -23.05
CA GLN A 311 7.35 -17.46 -22.92
C GLN A 311 8.18 -17.31 -24.19
N ALA A 312 7.50 -17.20 -25.33
CA ALA A 312 8.18 -17.02 -26.60
C ALA A 312 8.81 -15.63 -26.66
N LEU A 313 8.08 -14.63 -26.17
CA LEU A 313 8.56 -13.26 -26.17
C LEU A 313 9.83 -13.11 -25.36
N LEU A 314 9.77 -13.48 -24.08
CA LEU A 314 10.94 -13.41 -23.21
C LEU A 314 12.14 -14.12 -23.81
N VAL A 315 11.95 -15.37 -24.20
CA VAL A 315 13.02 -16.15 -24.82
C VAL A 315 13.51 -15.42 -26.06
N GLY A 316 12.58 -14.99 -26.91
CA GLY A 316 12.93 -14.26 -28.12
C GLY A 316 13.79 -13.05 -27.83
N MET A 317 13.68 -12.53 -26.60
CA MET A 317 14.41 -11.34 -26.21
C MET A 317 15.78 -11.67 -25.60
N VAL A 318 16.15 -12.94 -25.61
CA VAL A 318 17.44 -13.32 -25.04
C VAL A 318 18.58 -13.08 -26.04
N LYS A 319 18.33 -13.40 -27.31
CA LYS A 319 19.33 -13.20 -28.36
C LYS A 319 19.67 -11.72 -28.40
N GLY A 320 18.73 -10.90 -28.87
CA GLY A 320 18.81 -9.47 -28.71
C GLY A 320 17.95 -9.10 -27.52
N ALA A 321 18.49 -8.31 -26.60
CA ALA A 321 17.82 -8.10 -25.32
C ALA A 321 17.38 -6.66 -25.07
N SER A 322 17.41 -5.83 -26.11
CA SER A 322 17.05 -4.43 -25.95
C SER A 322 16.35 -3.87 -27.18
N ILE A 323 16.60 -4.47 -28.34
CA ILE A 323 15.96 -4.05 -29.58
C ILE A 323 14.62 -4.73 -29.78
N TYR A 324 14.41 -5.84 -29.07
CA TYR A 324 13.13 -6.52 -29.10
C TYR A 324 12.24 -6.02 -27.97
N ASN A 325 12.72 -4.98 -27.28
CA ASN A 325 11.97 -4.33 -26.21
C ASN A 325 10.59 -3.87 -26.69
N PRO A 326 9.53 -4.51 -26.17
CA PRO A 326 8.14 -4.27 -26.60
C PRO A 326 7.62 -2.87 -26.33
N TRP A 327 8.38 -2.05 -25.59
CA TRP A 327 7.97 -0.67 -25.34
C TRP A 327 8.27 0.18 -26.56
N ARG A 328 9.56 0.40 -26.82
CA ARG A 328 9.99 1.23 -27.93
C ARG A 328 9.42 0.76 -29.26
N ASN A 329 9.89 -0.38 -29.73
CA ASN A 329 9.43 -0.93 -31.01
C ASN A 329 8.77 -2.30 -30.87
N PRO A 330 7.43 -2.32 -30.78
CA PRO A 330 6.62 -3.53 -30.61
C PRO A 330 6.56 -4.38 -31.88
N LYS A 331 6.94 -3.80 -33.01
CA LYS A 331 6.86 -4.50 -34.29
C LYS A 331 7.94 -5.56 -34.46
N LEU A 332 9.20 -5.17 -34.28
CA LEU A 332 10.30 -6.12 -34.38
C LEU A 332 10.26 -7.12 -33.23
N ALA A 333 9.48 -6.78 -32.20
CA ALA A 333 9.28 -7.69 -31.07
C ALA A 333 8.17 -8.69 -31.38
N LEU A 334 7.13 -8.22 -32.06
CA LEU A 334 6.02 -9.07 -32.47
C LEU A 334 6.50 -10.11 -33.47
N GLU A 335 7.40 -9.70 -34.37
CA GLU A 335 7.94 -10.60 -35.38
C GLU A 335 8.90 -11.62 -34.75
N ARG A 336 9.66 -11.18 -33.76
CA ARG A 336 10.59 -12.06 -33.05
C ARG A 336 9.81 -13.06 -32.21
N ARG A 337 8.66 -12.62 -31.71
CA ARG A 337 7.78 -13.47 -30.91
C ARG A 337 7.15 -14.55 -31.81
N ASN A 338 6.53 -14.11 -32.90
CA ASN A 338 5.95 -15.03 -33.87
C ASN A 338 7.03 -15.93 -34.47
N LEU A 339 8.22 -15.37 -34.63
CA LEU A 339 9.37 -16.13 -35.13
C LEU A 339 9.70 -17.29 -34.20
N VAL A 340 9.77 -17.00 -32.90
CA VAL A 340 9.96 -18.06 -31.91
C VAL A 340 8.81 -19.05 -32.02
N LEU A 341 7.61 -18.51 -32.20
CA LEU A 341 6.41 -19.32 -32.35
C LEU A 341 6.48 -20.22 -33.59
N ARG A 342 7.30 -19.84 -34.56
CA ARG A 342 7.48 -20.66 -35.75
C ARG A 342 8.74 -21.52 -35.63
N LEU A 343 9.67 -21.08 -34.79
CA LEU A 343 10.87 -21.86 -34.52
C LEU A 343 10.49 -23.18 -33.87
N LEU A 344 9.78 -23.11 -32.76
CA LEU A 344 9.35 -24.30 -32.04
C LEU A 344 8.24 -25.02 -32.79
N GLN A 345 7.53 -24.29 -33.64
CA GLN A 345 6.44 -24.88 -34.41
C GLN A 345 6.96 -26.00 -35.31
N GLN A 346 8.22 -25.88 -35.72
CA GLN A 346 8.87 -26.89 -36.55
C GLN A 346 9.16 -28.16 -35.75
N GLN A 347 9.77 -27.98 -34.58
CA GLN A 347 9.97 -29.11 -33.68
C GLN A 347 8.62 -29.59 -33.17
N GLN A 348 8.61 -30.71 -32.46
CA GLN A 348 7.36 -31.39 -32.11
C GLN A 348 6.46 -30.65 -31.11
N ILE A 349 7.00 -29.65 -30.44
CA ILE A 349 6.29 -29.02 -29.32
C ILE A 349 5.02 -28.26 -29.70
N ILE A 350 4.97 -27.69 -30.91
CA ILE A 350 3.88 -26.76 -31.24
C ILE A 350 3.01 -27.19 -32.44
N ASP A 351 1.70 -27.04 -32.27
CA ASP A 351 0.74 -27.34 -33.33
C ASP A 351 0.56 -26.14 -34.24
N GLN A 352 0.01 -26.38 -35.43
CA GLN A 352 -0.23 -25.32 -36.41
C GLN A 352 -1.47 -24.50 -36.04
N GLU A 353 -2.52 -25.20 -35.62
CA GLU A 353 -3.79 -24.54 -35.29
C GLU A 353 -3.63 -23.56 -34.14
N LEU A 354 -2.93 -23.98 -33.09
CA LEU A 354 -2.72 -23.11 -31.94
C LEU A 354 -1.70 -22.03 -32.26
N TYR A 355 -0.79 -22.32 -33.19
CA TYR A 355 0.20 -21.34 -33.62
C TYR A 355 -0.47 -20.06 -34.10
N ASP A 356 -1.48 -20.19 -34.94
CA ASP A 356 -2.17 -19.02 -35.47
C ASP A 356 -2.84 -18.24 -34.35
N MET A 357 -3.10 -18.92 -33.24
CA MET A 357 -3.70 -18.28 -32.08
C MET A 357 -2.65 -17.48 -31.33
N LEU A 358 -1.53 -18.12 -31.03
CA LEU A 358 -0.41 -17.47 -30.34
C LEU A 358 0.09 -16.27 -31.15
N SER A 359 0.08 -16.41 -32.48
CA SER A 359 0.49 -15.33 -33.37
C SER A 359 -0.60 -14.27 -33.47
N ALA A 360 -1.86 -14.72 -33.39
CA ALA A 360 -2.99 -13.79 -33.36
C ALA A 360 -3.25 -13.35 -31.93
N ARG A 361 -2.32 -13.72 -31.04
CA ARG A 361 -2.36 -13.30 -29.65
C ARG A 361 -1.41 -12.14 -29.44
N PRO A 362 -1.93 -10.91 -29.54
CA PRO A 362 -1.09 -9.72 -29.35
C PRO A 362 -0.30 -9.80 -28.05
N LEU A 363 1.03 -9.76 -28.14
CA LEU A 363 1.89 -9.78 -26.97
C LEU A 363 1.52 -10.90 -26.01
N VAL A 365 -2.01 -9.73 -21.63
CA VAL A 365 -1.61 -8.37 -22.02
C VAL A 365 -0.10 -8.22 -21.95
N GLN A 366 0.37 -7.00 -22.21
CA GLN A 366 1.74 -6.62 -21.93
C GLN A 366 1.65 -5.33 -21.11
N PRO A 367 2.50 -5.20 -20.08
CA PRO A 367 2.39 -4.16 -19.05
C PRO A 367 2.27 -2.75 -19.59
N ARG A 368 2.44 -2.56 -20.89
CA ARG A 368 2.39 -1.24 -21.53
C ARG A 368 2.82 -0.08 -20.62
N GLY A 369 3.74 -0.35 -19.71
CA GLY A 369 4.16 0.65 -18.74
C GLY A 369 5.67 0.73 -18.60
N GLY A 370 6.12 1.70 -17.81
CA GLY A 370 7.54 1.91 -17.59
C GLY A 370 8.04 1.31 -16.29
N VAL A 371 7.19 1.37 -15.26
CA VAL A 371 7.53 0.89 -13.92
C VAL A 371 9.03 0.99 -13.64
N ILE A 372 9.50 2.21 -13.41
CA ILE A 372 10.89 2.44 -13.05
C ILE A 372 11.02 2.56 -11.54
N SER A 373 9.95 3.03 -10.89
CA SER A 373 9.93 3.18 -9.44
C SER A 373 8.51 3.05 -8.91
N PRO A 374 8.08 1.81 -8.61
CA PRO A 374 6.74 1.52 -8.11
C PRO A 374 6.48 2.09 -6.71
N GLN A 375 5.31 2.69 -6.53
CA GLN A 375 4.88 3.20 -5.23
C GLN A 375 5.91 4.11 -4.54
N PRO A 376 6.35 5.15 -5.24
CA PRO A 376 7.41 6.03 -4.73
C PRO A 376 7.07 6.57 -3.34
N ALA A 377 5.82 6.98 -3.15
CA ALA A 377 5.43 7.58 -1.89
C ALA A 377 5.54 6.60 -0.73
N PHE A 378 4.94 5.43 -0.87
CA PHE A 378 4.95 4.42 0.18
C PHE A 378 6.35 3.88 0.39
N MET A 379 7.12 3.73 -0.68
CA MET A 379 8.49 3.25 -0.55
C MET A 379 9.38 4.20 0.25
N GLN A 380 9.06 5.49 0.24
CA GLN A 380 9.79 6.44 1.08
C GLN A 380 9.65 6.07 2.55
N LEU A 381 8.43 5.74 2.97
CA LEU A 381 8.19 5.35 4.34
C LEU A 381 8.92 4.06 4.64
N VAL A 382 8.84 3.11 3.70
CA VAL A 382 9.52 1.83 3.89
C VAL A 382 11.02 2.03 4.08
N ARG A 383 11.67 2.74 3.16
CA ARG A 383 13.11 2.98 3.26
C ARG A 383 13.46 3.62 4.59
N GLN A 384 12.61 4.56 5.00
CA GLN A 384 12.80 5.27 6.25
C GLN A 384 12.66 4.33 7.45
N GLU A 385 11.63 3.52 7.45
CA GLU A 385 11.43 2.58 8.55
C GLU A 385 12.53 1.49 8.63
N LEU A 386 13.11 1.15 7.49
CA LEU A 386 14.17 0.14 7.47
C LEU A 386 15.43 0.65 8.15
N GLN A 387 15.77 1.91 7.87
CA GLN A 387 16.95 2.53 8.48
C GLN A 387 16.80 2.56 9.99
N ALA A 388 15.65 3.01 10.46
CA ALA A 388 15.38 3.11 11.90
C ALA A 388 15.45 1.76 12.61
N LYS A 389 14.88 0.72 12.00
CA LYS A 389 14.76 -0.57 12.66
C LYS A 389 16.01 -1.46 12.57
N LEU A 390 16.62 -1.49 11.38
CA LEU A 390 17.73 -2.41 11.14
C LEU A 390 19.05 -1.68 10.93
N GLY A 391 18.97 -0.42 10.52
CA GLY A 391 20.16 0.37 10.26
C GLY A 391 20.74 0.07 8.88
N ASP A 392 22.01 0.36 8.71
CA ASP A 392 22.69 0.13 7.43
C ASP A 392 23.17 -1.30 7.30
N LYS A 393 23.00 -2.09 8.36
CA LYS A 393 23.42 -3.48 8.35
C LYS A 393 22.29 -4.37 7.81
N VAL A 394 21.99 -4.21 6.52
CA VAL A 394 20.91 -4.97 5.89
C VAL A 394 21.17 -5.25 4.42
N LYS A 395 21.52 -4.21 3.66
CA LYS A 395 21.79 -4.38 2.24
C LYS A 395 23.10 -5.12 2.02
N ASP A 396 23.85 -5.30 3.11
CA ASP A 396 25.02 -6.15 3.11
C ASP A 396 24.57 -7.56 2.77
N LEU A 397 23.37 -7.91 3.23
CA LEU A 397 22.80 -9.23 3.00
C LEU A 397 22.20 -9.34 1.61
N SER A 398 22.13 -10.57 1.11
CA SER A 398 21.57 -10.83 -0.21
C SER A 398 20.30 -11.65 -0.08
N GLY A 399 19.35 -11.42 -0.99
CA GLY A 399 18.10 -12.16 -1.00
C GLY A 399 17.23 -11.93 0.23
N VAL A 400 17.21 -10.70 0.72
CA VAL A 400 16.37 -10.35 1.87
C VAL A 400 14.92 -10.13 1.43
N LYS A 401 13.98 -10.53 2.27
CA LYS A 401 12.55 -10.35 1.97
C LYS A 401 11.87 -9.38 2.94
N ILE A 402 11.33 -8.29 2.39
CA ILE A 402 10.64 -7.28 3.19
C ILE A 402 9.12 -7.39 3.03
N PHE A 403 8.45 -7.74 4.12
CA PHE A 403 7.00 -7.84 4.14
C PHE A 403 6.40 -6.58 4.76
N THR A 404 5.66 -5.82 3.94
CA THR A 404 5.09 -4.54 4.36
C THR A 404 3.59 -4.59 4.65
N THR A 405 3.01 -3.44 4.94
CA THR A 405 1.61 -3.36 5.36
C THR A 405 0.76 -2.90 4.19
N PHE A 406 1.41 -2.70 3.05
CA PHE A 406 0.82 -2.13 1.85
C PHE A 406 -0.44 -2.86 1.42
N ASP A 407 -1.51 -2.11 1.20
CA ASP A 407 -2.76 -2.68 0.70
C ASP A 407 -2.96 -2.25 -0.75
N SER A 408 -2.85 -3.21 -1.68
CA SER A 408 -2.96 -2.94 -3.11
C SER A 408 -4.32 -2.40 -3.55
N VAL A 409 -5.40 -2.88 -2.93
CA VAL A 409 -6.74 -2.43 -3.25
C VAL A 409 -6.96 -0.98 -2.82
N ALA A 410 -6.52 -0.66 -1.60
CA ALA A 410 -6.63 0.68 -1.08
C ALA A 410 -5.79 1.66 -1.89
N GLN A 411 -4.57 1.25 -2.23
CA GLN A 411 -3.70 2.12 -3.02
C GLN A 411 -4.33 2.44 -4.37
N ASP A 412 -4.85 1.40 -5.02
CA ASP A 412 -5.55 1.59 -6.30
C ASP A 412 -6.70 2.58 -6.19
N ALA A 413 -7.47 2.47 -5.11
CA ALA A 413 -8.64 3.33 -4.93
C ALA A 413 -8.24 4.78 -4.62
N ALA A 414 -7.18 4.95 -3.82
CA ALA A 414 -6.70 6.30 -3.50
C ALA A 414 -6.09 6.95 -4.71
N GLU A 415 -5.23 6.22 -5.42
CA GLU A 415 -4.63 6.74 -6.64
C GLU A 415 -5.69 7.15 -7.65
N LYS A 416 -6.70 6.30 -7.84
CA LYS A 416 -7.78 6.63 -8.76
C LYS A 416 -8.54 7.88 -8.31
N ALA A 417 -8.78 8.01 -7.01
CA ALA A 417 -9.45 9.19 -6.48
C ALA A 417 -8.63 10.46 -6.71
N ALA A 418 -7.32 10.35 -6.50
CA ALA A 418 -6.40 11.45 -6.74
C ALA A 418 -6.30 11.82 -8.23
N VAL A 419 -6.13 10.81 -9.07
CA VAL A 419 -5.89 11.05 -10.49
C VAL A 419 -7.11 11.66 -11.17
N GLU A 420 -8.30 11.13 -10.89
CA GLU A 420 -9.51 11.62 -11.54
C GLU A 420 -10.10 12.79 -10.78
N GLY A 421 -10.00 12.75 -9.45
CA GLY A 421 -10.57 13.79 -8.61
C GLY A 421 -10.02 15.18 -8.83
N ILE A 422 -8.70 15.29 -8.91
CA ILE A 422 -8.05 16.61 -8.97
C ILE A 422 -8.37 17.39 -10.24
N PRO A 423 -8.24 16.73 -11.41
CA PRO A 423 -8.63 17.40 -12.67
C PRO A 423 -10.11 17.80 -12.66
N ALA A 424 -10.95 17.03 -11.97
CA ALA A 424 -12.37 17.34 -11.89
C ALA A 424 -12.58 18.64 -11.11
N LEU A 425 -11.87 18.78 -10.00
CA LEU A 425 -11.97 19.98 -9.17
C LEU A 425 -11.42 21.21 -9.88
N LYS A 426 -10.37 21.00 -10.68
CA LYS A 426 -9.75 22.08 -11.45
C LYS A 426 -10.63 22.56 -12.59
N LYS A 427 -11.47 21.67 -13.13
CA LYS A 427 -12.37 22.03 -14.21
C LYS A 427 -13.60 22.74 -13.67
N GLN A 428 -14.12 22.23 -12.56
CA GLN A 428 -15.33 22.76 -11.96
C GLN A 428 -15.11 24.13 -11.31
N ARG A 429 -13.85 24.51 -11.13
CA ARG A 429 -13.54 25.81 -10.51
C ARG A 429 -12.46 26.57 -11.29
N LYS A 430 -12.07 26.05 -12.44
CA LYS A 430 -11.15 26.76 -13.34
C LYS A 430 -9.76 26.97 -12.75
N LEU A 431 -9.31 26.03 -11.91
CA LEU A 431 -8.02 26.13 -11.26
C LEU A 431 -6.88 25.77 -12.22
N SER A 432 -5.64 25.80 -11.73
CA SER A 432 -4.49 25.61 -12.61
C SER A 432 -3.38 24.67 -12.11
N ASP A 433 -3.30 24.45 -10.79
CA ASP A 433 -2.19 23.66 -10.25
C ASP A 433 -2.49 22.96 -8.92
N LEU A 434 -3.69 22.40 -8.81
CA LEU A 434 -4.16 21.81 -7.56
C LEU A 434 -3.45 20.48 -7.26
N GLU A 435 -3.13 20.26 -5.99
CA GLU A 435 -2.46 19.04 -5.55
C GLU A 435 -3.18 18.36 -4.37
N THR A 436 -2.75 17.15 -4.05
CA THR A 436 -3.42 16.34 -3.04
C THR A 436 -2.49 15.30 -2.45
N ALA A 437 -2.83 14.86 -1.25
CA ALA A 437 -2.13 13.77 -0.58
C ALA A 437 -3.17 12.97 0.16
N ILE A 438 -3.00 11.66 0.17
CA ILE A 438 -3.92 10.77 0.86
C ILE A 438 -3.11 9.76 1.64
N VAL A 439 -3.49 9.56 2.90
CA VAL A 439 -2.91 8.52 3.71
C VAL A 439 -4.00 7.69 4.35
N VAL A 440 -3.89 6.36 4.19
CA VAL A 440 -4.82 5.41 4.79
C VAL A 440 -4.04 4.55 5.78
N VAL A 441 -4.55 4.43 7.01
CA VAL A 441 -3.95 3.56 8.01
C VAL A 441 -5.01 2.74 8.75
N ASP A 442 -4.57 1.61 9.29
CA ASP A 442 -5.46 0.72 10.02
C ASP A 442 -5.88 1.35 11.35
N ARG A 443 -7.19 1.33 11.59
CA ARG A 443 -7.79 1.97 12.76
C ARG A 443 -7.13 1.59 14.09
N PHE A 444 -6.82 0.30 14.24
CA PHE A 444 -6.42 -0.24 15.53
C PHE A 444 -4.92 -0.51 15.66
N SER A 445 -4.30 -0.95 14.56
CA SER A 445 -2.91 -1.40 14.59
C SER A 445 -1.96 -0.33 14.08
N GLY A 446 -2.50 0.73 13.47
CA GLY A 446 -1.68 1.80 12.93
C GLY A 446 -0.89 1.47 11.68
N GLU A 447 -1.18 0.32 11.08
CA GLU A 447 -0.47 -0.09 9.87
C GLU A 447 -0.87 0.75 8.69
N VAL A 448 0.12 1.23 7.94
CA VAL A 448 -0.14 2.11 6.81
C VAL A 448 -0.51 1.29 5.58
N ARG A 449 -1.73 1.48 5.10
CA ARG A 449 -2.30 0.66 4.02
C ARG A 449 -2.02 1.31 2.68
N ALA A 450 -2.04 2.64 2.64
CA ALA A 450 -1.90 3.36 1.38
C ALA A 450 -1.33 4.76 1.58
N MET A 451 -0.61 5.24 0.57
CA MET A 451 -0.02 6.57 0.61
C MET A 451 0.04 7.16 -0.78
N VAL A 452 -0.65 8.29 -0.96
CA VAL A 452 -0.64 8.98 -2.23
C VAL A 452 -0.05 10.34 -1.96
N GLY A 453 1.03 10.66 -2.66
CA GLY A 453 1.77 11.86 -2.37
C GLY A 453 1.66 12.96 -3.42
N GLY A 454 0.73 12.79 -4.35
CA GLY A 454 0.52 13.76 -5.40
C GLY A 454 -0.58 13.32 -6.34
N SER A 455 -1.08 14.27 -7.13
CA SER A 455 -2.19 14.02 -8.04
C SER A 455 -1.78 13.13 -9.21
N GLU A 456 -0.48 12.93 -9.37
CA GLU A 456 0.05 11.99 -10.35
C GLU A 456 0.89 10.93 -9.65
N PRO A 457 0.23 10.02 -8.91
CA PRO A 457 0.85 9.03 -8.02
C PRO A 457 1.80 8.09 -8.76
N GLN A 458 1.50 7.82 -10.03
CA GLN A 458 2.33 6.97 -10.85
C GLN A 458 3.76 7.49 -10.88
N PHE A 459 3.90 8.78 -11.18
CA PHE A 459 5.20 9.42 -11.26
C PHE A 459 5.36 10.46 -10.16
N ALA A 460 6.05 10.09 -9.10
CA ALA A 460 6.20 10.98 -7.95
C ALA A 460 7.67 11.19 -7.56
N GLY A 461 8.02 12.44 -7.28
CA GLY A 461 9.32 12.79 -6.76
C GLY A 461 9.16 13.50 -5.42
N TYR A 462 8.21 14.43 -5.39
CA TYR A 462 7.84 15.11 -4.16
C TYR A 462 6.66 14.37 -3.53
N ASN A 463 6.88 13.81 -2.35
CA ASN A 463 5.85 13.06 -1.65
C ASN A 463 5.14 13.91 -0.60
N ARG A 464 3.94 14.37 -0.92
CA ARG A 464 3.25 15.33 -0.07
C ARG A 464 2.67 14.72 1.19
N ALA A 465 2.51 13.39 1.21
CA ALA A 465 1.99 12.71 2.38
C ALA A 465 3.00 12.76 3.55
N MET A 466 4.27 12.93 3.23
CA MET A 466 5.32 12.87 4.23
C MET A 466 6.13 14.15 4.35
N GLN A 467 6.08 15.00 3.32
CA GLN A 467 6.97 16.14 3.24
C GLN A 467 6.25 17.49 3.24
N ALA A 468 4.98 17.48 2.87
CA ALA A 468 4.20 18.71 2.81
C ALA A 468 3.61 19.04 4.18
N ARG A 469 4.30 19.90 4.92
CA ARG A 469 3.82 20.36 6.22
C ARG A 469 2.83 21.50 6.02
N ARG A 470 1.63 21.34 6.53
CA ARG A 470 0.55 22.27 6.24
C ARG A 470 -0.34 22.49 7.45
N SER A 471 -0.75 23.74 7.64
CA SER A 471 -1.75 24.13 8.62
C SER A 471 -2.98 23.23 8.52
N ILE A 472 -3.37 22.65 9.64
CA ILE A 472 -4.52 21.75 9.66
C ILE A 472 -5.85 22.49 9.91
N GLY A 473 -5.79 23.77 10.25
CA GLY A 473 -7.01 24.54 10.45
C GLY A 473 -7.99 23.85 11.39
N SER A 474 -9.25 23.76 10.97
CA SER A 474 -10.33 23.31 11.85
C SER A 474 -10.31 21.80 12.12
N LEU A 475 -9.42 21.10 11.44
CA LEU A 475 -9.11 19.71 11.78
C LEU A 475 -8.53 19.63 13.20
N ALA A 476 -8.05 20.75 13.72
CA ALA A 476 -7.51 20.78 15.08
C ALA A 476 -8.58 20.66 16.18
N LYS A 477 -9.86 20.87 15.85
CA LYS A 477 -10.90 21.06 16.86
C LYS A 477 -11.16 19.87 17.80
N PRO A 478 -11.18 18.65 17.26
CA PRO A 478 -11.45 17.49 18.13
C PRO A 478 -10.49 17.39 19.33
N ALA A 479 -9.24 17.80 19.16
CA ALA A 479 -8.28 17.79 20.26
C ALA A 479 -8.84 18.53 21.46
N THR A 480 -9.49 19.66 21.20
CA THR A 480 -10.04 20.46 22.28
C THR A 480 -11.21 19.77 22.95
N TYR A 481 -12.06 19.14 22.15
CA TYR A 481 -13.26 18.55 22.66
C TYR A 481 -12.89 17.25 23.37
N LEU A 482 -11.90 16.56 22.82
CA LEU A 482 -11.35 15.36 23.45
C LEU A 482 -10.75 15.72 24.82
N THR A 483 -10.06 16.86 24.90
CA THR A 483 -9.51 17.32 26.17
C THR A 483 -10.62 17.52 27.20
N ALA A 484 -11.69 18.21 26.78
CA ALA A 484 -12.83 18.48 27.65
C ALA A 484 -13.56 17.22 28.11
N LEU A 485 -13.94 16.39 27.15
CA LEU A 485 -14.70 15.16 27.39
C LEU A 485 -13.94 14.15 28.25
N SER A 486 -12.63 14.32 28.35
CA SER A 486 -11.82 13.47 29.24
C SER A 486 -12.07 13.79 30.71
N GLN A 487 -12.96 14.74 31.00
CA GLN A 487 -13.34 15.07 32.38
C GLN A 487 -14.86 14.97 32.58
N PRO A 488 -15.35 13.74 32.75
CA PRO A 488 -16.79 13.43 32.67
C PRO A 488 -17.60 14.11 33.77
N LYS A 489 -16.95 14.56 34.83
CA LYS A 489 -17.65 15.22 35.93
C LYS A 489 -17.93 16.67 35.60
N ILE A 490 -17.19 17.23 34.65
CA ILE A 490 -17.35 18.66 34.35
C ILE A 490 -17.80 18.94 32.90
N TYR A 491 -17.20 18.28 31.93
CA TYR A 491 -17.63 18.48 30.54
C TYR A 491 -18.32 17.26 29.94
N ARG A 492 -19.51 17.48 29.39
CA ARG A 492 -20.24 16.44 28.66
C ARG A 492 -20.72 17.02 27.35
N LEU A 493 -21.35 16.17 26.54
CA LEU A 493 -21.87 16.59 25.25
C LEU A 493 -22.96 17.66 25.40
N ASN A 494 -23.67 17.66 26.52
CA ASN A 494 -24.70 18.67 26.75
C ASN A 494 -24.23 19.91 27.49
N THR A 495 -22.93 20.02 27.74
CA THR A 495 -22.42 21.19 28.42
C THR A 495 -22.54 22.43 27.53
N TRP A 496 -23.07 23.52 28.09
CA TRP A 496 -23.26 24.76 27.33
C TRP A 496 -21.97 25.58 27.26
N ILE A 497 -21.60 26.00 26.05
CA ILE A 497 -20.43 26.84 25.83
C ILE A 497 -20.89 28.23 25.37
N ALA A 498 -20.32 29.27 25.95
CA ALA A 498 -20.65 30.63 25.50
C ALA A 498 -20.31 30.80 24.01
N ASP A 499 -21.19 31.50 23.30
CA ASP A 499 -20.97 31.87 21.93
C ASP A 499 -21.29 33.36 21.78
N ALA A 500 -20.33 34.21 22.17
CA ALA A 500 -20.48 35.65 22.08
C ALA A 500 -19.16 36.27 21.61
N PRO A 501 -19.17 37.55 21.23
CA PRO A 501 -17.93 38.18 20.77
C PRO A 501 -16.74 37.84 21.66
N ILE A 502 -15.59 37.61 21.04
CA ILE A 502 -14.34 37.36 21.76
C ILE A 502 -13.33 38.46 21.45
N ALA A 503 -12.52 38.81 22.44
CA ALA A 503 -11.40 39.72 22.26
C ALA A 503 -10.25 39.33 23.21
N LEU A 504 -9.19 38.74 22.67
CA LEU A 504 -8.08 38.26 23.47
C LEU A 504 -6.84 39.12 23.27
N ARG A 505 -6.46 39.88 24.29
CA ARG A 505 -5.21 40.61 24.22
C ARG A 505 -4.07 39.59 24.24
N GLN A 506 -3.16 39.72 23.28
CA GLN A 506 -2.01 38.83 23.21
C GLN A 506 -0.71 39.64 23.32
N PRO A 507 0.42 38.94 23.52
CA PRO A 507 1.72 39.61 23.53
C PRO A 507 1.79 40.70 22.46
N ASN A 508 2.11 41.92 22.89
CA ASN A 508 2.07 43.12 22.04
C ASN A 508 1.88 42.89 20.53
N GLY A 509 0.87 43.55 19.98
CA GLY A 509 0.01 44.42 20.77
C GLY A 509 -1.45 44.27 20.41
N GLN A 510 -1.71 43.69 19.25
CA GLN A 510 -3.07 43.55 18.73
C GLN A 510 -3.93 42.59 19.56
N VAL A 511 -5.24 42.75 19.41
CA VAL A 511 -6.23 41.94 20.11
C VAL A 511 -6.76 40.86 19.15
N TRP A 512 -6.69 39.61 19.60
CA TRP A 512 -7.17 38.48 18.81
C TRP A 512 -8.69 38.39 18.94
N SER A 513 -9.39 38.59 17.82
CA SER A 513 -10.84 38.60 17.86
C SER A 513 -11.44 37.65 16.82
N PRO A 514 -11.44 36.35 17.14
CA PRO A 514 -11.91 35.30 16.23
C PRO A 514 -13.40 35.39 15.95
N GLN A 515 -13.79 35.07 14.72
CA GLN A 515 -15.19 35.13 14.32
C GLN A 515 -15.65 33.74 13.89
N ASN A 516 -16.93 33.46 14.10
CA ASN A 516 -17.55 32.30 13.51
C ASN A 516 -17.46 32.35 11.98
N ASP A 517 -17.61 31.19 11.35
CA ASP A 517 -17.61 31.05 9.92
C ASP A 517 -18.49 32.11 9.26
N ASP A 518 -19.72 32.25 9.77
CA ASP A 518 -20.73 33.13 9.17
C ASP A 518 -20.80 34.48 9.86
N ARG A 519 -19.82 34.77 10.69
CA ARG A 519 -19.76 36.03 11.42
C ARG A 519 -21.01 36.30 12.26
N ARG A 520 -21.66 35.21 12.65
CA ARG A 520 -22.87 35.27 13.47
C ARG A 520 -22.65 34.63 14.83
N TYR A 521 -23.52 34.97 15.78
CA TYR A 521 -23.48 34.40 17.11
C TYR A 521 -24.82 33.75 17.40
N SER A 522 -24.82 32.71 18.23
CA SER A 522 -26.07 32.02 18.57
C SER A 522 -26.99 32.98 19.26
N GLU A 523 -28.24 33.03 18.82
CA GLU A 523 -29.20 34.00 19.35
C GLU A 523 -29.27 33.95 20.87
N SER A 524 -29.11 32.75 21.43
CA SER A 524 -29.18 32.60 22.89
C SER A 524 -27.88 32.97 23.59
N GLY A 525 -26.82 33.20 22.81
CA GLY A 525 -25.51 33.45 23.40
C GLY A 525 -24.79 32.16 23.80
N ARG A 526 -25.42 31.00 23.60
CA ARG A 526 -24.80 29.74 24.01
C ARG A 526 -25.09 28.59 23.07
N VAL A 527 -24.25 27.56 23.12
CA VAL A 527 -24.42 26.36 22.31
C VAL A 527 -23.89 25.17 23.09
N MET A 528 -24.52 24.02 22.92
CA MET A 528 -24.03 22.80 23.58
C MET A 528 -22.78 22.30 22.88
N LEU A 529 -21.90 21.70 23.69
CA LEU A 529 -20.61 21.25 23.24
C LEU A 529 -20.75 20.33 22.05
N VAL A 530 -21.74 19.44 22.10
CA VAL A 530 -21.95 18.51 21.01
C VAL A 530 -22.06 19.27 19.69
N ASP A 531 -22.87 20.32 19.68
CA ASP A 531 -23.20 21.06 18.47
C ASP A 531 -22.06 21.99 18.00
N ALA A 532 -21.27 22.48 18.94
CA ALA A 532 -20.12 23.29 18.59
C ALA A 532 -19.13 22.51 17.74
N LEU A 533 -18.86 21.26 18.11
CA LEU A 533 -17.96 20.42 17.33
C LEU A 533 -18.62 20.01 16.02
N THR A 534 -19.87 19.59 16.11
CA THR A 534 -20.62 19.15 14.92
C THR A 534 -20.57 20.20 13.81
N ARG A 535 -20.74 21.46 14.20
CA ARG A 535 -20.82 22.56 13.24
C ARG A 535 -19.49 23.31 13.11
N SER A 536 -18.47 22.81 13.78
CA SER A 536 -17.14 23.41 13.71
C SER A 536 -17.20 24.93 13.98
N MET A 537 -17.86 25.29 15.06
CA MET A 537 -18.03 26.68 15.45
C MET A 537 -16.74 27.21 16.08
N ASN A 538 -16.16 28.24 15.45
CA ASN A 538 -14.89 28.79 15.90
C ASN A 538 -14.94 29.39 17.30
N VAL A 539 -15.99 30.16 17.57
CA VAL A 539 -16.05 30.93 18.80
C VAL A 539 -16.22 30.09 20.06
N PRO A 540 -17.16 29.13 20.04
CA PRO A 540 -17.28 28.21 21.18
C PRO A 540 -16.05 27.35 21.40
N THR A 541 -15.34 27.01 20.33
CA THR A 541 -14.12 26.23 20.45
C THR A 541 -13.06 26.97 21.25
N VAL A 542 -12.86 28.25 20.93
CA VAL A 542 -11.88 29.07 21.62
C VAL A 542 -12.32 29.29 23.07
N ASN A 543 -13.62 29.49 23.29
CA ASN A 543 -14.11 29.63 24.66
C ASN A 543 -13.90 28.35 25.46
N LEU A 544 -14.19 27.21 24.84
CA LEU A 544 -13.91 25.93 25.51
C LEU A 544 -12.41 25.74 25.77
N GLY A 545 -11.61 25.92 24.73
CA GLY A 545 -10.17 25.70 24.78
C GLY A 545 -9.47 26.60 25.76
N MET A 546 -9.84 27.90 25.77
CA MET A 546 -9.25 28.86 26.69
C MET A 546 -9.59 28.53 28.14
N ALA A 547 -10.80 28.00 28.36
CA ALA A 547 -11.24 27.60 29.70
C ALA A 547 -10.50 26.34 30.18
N LEU A 548 -10.22 25.42 29.26
CA LEU A 548 -9.48 24.20 29.57
C LEU A 548 -8.01 24.56 29.75
N GLY A 549 -7.56 25.58 29.04
CA GLY A 549 -6.17 25.96 29.05
C GLY A 549 -5.42 25.36 27.88
N LEU A 550 -4.57 26.17 27.27
CA LEU A 550 -3.69 25.75 26.20
C LEU A 550 -2.69 24.66 26.63
N PRO A 551 -2.29 24.66 27.90
CA PRO A 551 -1.38 23.55 28.25
C PRO A 551 -2.10 22.19 28.18
N ALA A 552 -3.29 22.11 28.76
CA ALA A 552 -4.06 20.87 28.75
C ALA A 552 -4.30 20.40 27.31
N VAL A 553 -4.74 21.32 26.44
CA VAL A 553 -4.98 20.96 25.04
C VAL A 553 -3.70 20.47 24.40
N THR A 554 -2.60 21.18 24.65
CA THR A 554 -1.30 20.86 24.07
C THR A 554 -0.83 19.45 24.45
N GLU A 555 -1.13 19.08 25.69
CA GLU A 555 -0.79 17.76 26.22
C GLU A 555 -1.64 16.67 25.52
N THR A 556 -2.85 17.03 25.14
CA THR A 556 -3.69 16.10 24.38
C THR A 556 -3.07 15.83 23.03
N TRP A 557 -2.57 16.88 22.40
CA TRP A 557 -1.89 16.74 21.12
C TRP A 557 -0.69 15.78 21.20
N ILE A 558 0.07 15.83 22.29
CA ILE A 558 1.26 14.98 22.42
C ILE A 558 0.85 13.53 22.62
N LYS A 559 -0.12 13.31 23.49
CA LYS A 559 -0.70 11.99 23.68
C LYS A 559 -1.27 11.41 22.39
N LEU A 560 -1.80 12.26 21.52
CA LEU A 560 -2.36 11.80 20.25
C LEU A 560 -1.23 11.42 19.31
N GLY A 561 -0.03 11.92 19.59
CA GLY A 561 1.16 11.47 18.88
C GLY A 561 1.75 12.43 17.86
N VAL A 562 1.42 13.70 17.95
CA VAL A 562 1.95 14.67 17.00
C VAL A 562 3.35 15.16 17.38
N PRO A 563 4.16 15.56 16.38
CA PRO A 563 5.52 16.01 16.67
C PRO A 563 5.50 17.13 17.69
N LYS A 564 6.29 16.99 18.75
CA LYS A 564 6.23 17.91 19.87
C LYS A 564 6.71 19.31 19.50
N ASP A 565 7.64 19.41 18.54
CA ASP A 565 8.21 20.69 18.21
C ASP A 565 7.38 21.48 17.20
N GLN A 566 6.22 20.94 16.85
CA GLN A 566 5.26 21.66 16.03
C GLN A 566 4.20 22.35 16.89
N LEU A 567 4.24 22.10 18.19
CA LEU A 567 3.22 22.64 19.09
C LEU A 567 3.65 23.98 19.66
N HIS A 568 2.87 25.01 19.36
CA HIS A 568 3.11 26.34 19.90
C HIS A 568 1.84 26.81 20.59
N PRO A 569 1.86 26.87 21.92
CA PRO A 569 0.64 27.03 22.71
C PRO A 569 0.20 28.50 22.83
N VAL A 570 -0.41 29.02 21.77
CA VAL A 570 -1.05 30.32 21.79
C VAL A 570 -2.48 30.13 21.33
N PRO A 571 -3.37 31.10 21.62
CA PRO A 571 -4.78 30.87 21.30
C PRO A 571 -5.08 30.29 19.91
N ALA A 572 -4.37 30.73 18.87
CA ALA A 572 -4.69 30.33 17.50
C ALA A 572 -4.44 28.84 17.25
N MET A 573 -3.67 28.23 18.11
CA MET A 573 -3.46 26.79 18.06
C MET A 573 -4.80 26.07 18.14
N LEU A 574 -5.68 26.56 19.01
CA LEU A 574 -7.00 25.94 19.18
C LEU A 574 -7.75 25.86 17.85
N LEU A 575 -7.55 26.84 16.98
CA LEU A 575 -8.27 26.89 15.70
C LEU A 575 -7.44 26.36 14.52
N GLY A 576 -6.29 25.76 14.82
CA GLY A 576 -5.52 25.09 13.79
C GLY A 576 -4.23 25.74 13.33
N ALA A 577 -3.68 26.65 14.13
CA ALA A 577 -2.32 27.14 13.89
C ALA A 577 -1.36 26.02 14.28
N LEU A 578 -1.34 24.96 13.49
CA LEU A 578 -0.51 23.82 13.77
C LEU A 578 -0.21 23.18 12.42
N ASN A 579 1.07 23.13 12.07
CA ASN A 579 1.47 22.66 10.76
C ASN A 579 1.96 21.22 10.80
N LEU A 580 1.25 20.33 10.10
CA LEU A 580 1.59 18.91 10.12
C LEU A 580 1.61 18.34 8.72
N THR A 581 2.27 17.19 8.57
CA THR A 581 2.19 16.43 7.34
C THR A 581 0.96 15.53 7.44
N PRO A 582 0.46 15.04 6.30
CA PRO A 582 -0.69 14.13 6.33
C PRO A 582 -0.44 12.85 7.13
N ILE A 583 0.77 12.31 7.08
CA ILE A 583 1.06 11.10 7.87
C ILE A 583 1.03 11.37 9.37
N GLU A 584 1.43 12.58 9.77
CA GLU A 584 1.34 12.99 11.17
C GLU A 584 -0.11 13.21 11.61
N VAL A 585 -0.93 13.78 10.74
CA VAL A 585 -2.35 13.90 11.05
C VAL A 585 -2.97 12.51 11.25
N ALA A 586 -2.63 11.58 10.36
CA ALA A 586 -3.13 10.20 10.47
C ALA A 586 -2.82 9.58 11.84
N GLN A 587 -1.62 9.80 12.34
CA GLN A 587 -1.27 9.29 13.67
C GLN A 587 -2.26 9.81 14.72
N ALA A 588 -2.55 11.11 14.66
CA ALA A 588 -3.39 11.74 15.66
C ALA A 588 -4.80 11.17 15.62
N PHE A 589 -5.32 11.03 14.42
CA PHE A 589 -6.68 10.54 14.26
C PHE A 589 -6.78 9.03 14.47
N GLN A 590 -5.69 8.30 14.21
CA GLN A 590 -5.66 6.86 14.53
C GLN A 590 -5.82 6.67 16.03
N THR A 591 -5.23 7.58 16.81
CA THR A 591 -5.25 7.44 18.26
C THR A 591 -6.66 7.58 18.81
N ILE A 592 -7.45 8.45 18.21
CA ILE A 592 -8.82 8.60 18.68
C ILE A 592 -9.74 7.54 18.08
N ALA A 593 -9.50 7.17 16.82
CA ALA A 593 -10.27 6.10 16.12
C ALA A 593 -10.16 4.71 16.77
N SER A 594 -8.98 4.37 17.27
CA SER A 594 -8.77 3.07 17.90
C SER A 594 -9.55 3.02 19.21
N GLY A 595 -10.02 4.17 19.65
CA GLY A 595 -10.66 4.28 20.95
C GLY A 595 -9.72 4.80 22.03
N GLY A 596 -8.66 5.49 21.62
CA GLY A 596 -7.75 6.10 22.58
C GLY A 596 -6.39 5.45 22.74
N ASN A 597 -6.12 4.39 21.98
CA ASN A 597 -4.82 3.75 21.99
C ASN A 597 -3.93 4.29 20.85
N ARG A 598 -2.76 4.79 21.19
CA ARG A 598 -1.82 5.30 20.20
C ARG A 598 -0.96 4.16 19.67
N ALA A 599 -1.22 3.76 18.42
CA ALA A 599 -0.44 2.73 17.76
C ALA A 599 0.48 3.36 16.73
N PRO A 600 1.77 3.44 17.03
CA PRO A 600 2.73 4.14 16.16
C PRO A 600 2.61 3.63 14.74
N LEU A 601 2.41 4.53 13.77
CA LEU A 601 2.25 4.12 12.39
C LEU A 601 3.48 3.37 11.91
N SER A 602 3.25 2.30 11.14
CA SER A 602 4.36 1.53 10.59
C SER A 602 4.01 0.97 9.23
N ALA A 603 5.03 0.72 8.42
CA ALA A 603 4.84 0.13 7.11
C ALA A 603 5.51 -1.24 7.00
N LEU A 604 6.16 -1.70 8.06
CA LEU A 604 6.82 -3.00 8.06
C LEU A 604 6.12 -4.04 8.94
N ARG A 605 6.07 -5.26 8.42
CA ARG A 605 5.51 -6.39 9.16
C ARG A 605 6.63 -7.34 9.58
N SER A 606 7.51 -7.67 8.63
CA SER A 606 8.72 -8.43 8.96
C SER A 606 9.82 -8.25 7.91
N VAL A 607 11.05 -8.59 8.31
CA VAL A 607 12.18 -8.64 7.38
C VAL A 607 12.89 -9.98 7.56
N ILE A 608 12.85 -10.81 6.53
CA ILE A 608 13.37 -12.18 6.56
C ILE A 608 14.63 -12.28 5.71
N ALA A 609 15.60 -13.05 6.17
CA ALA A 609 16.81 -13.32 5.38
C ALA A 609 16.52 -14.40 4.35
N GLU A 610 17.40 -14.54 3.36
CA GLU A 610 17.20 -15.55 2.31
C GLU A 610 16.99 -16.96 2.85
N ASP A 611 17.60 -17.23 4.00
CA ASP A 611 17.53 -18.56 4.62
C ASP A 611 16.32 -18.74 5.51
N GLY A 612 15.58 -17.65 5.75
CA GLY A 612 14.41 -17.69 6.58
C GLY A 612 14.63 -17.15 7.98
N LYS A 613 15.82 -16.61 8.23
CA LYS A 613 16.13 -15.99 9.52
C LYS A 613 15.39 -14.65 9.64
N VAL A 614 14.75 -14.42 10.78
CA VAL A 614 13.97 -13.21 11.00
C VAL A 614 14.85 -12.04 11.42
N LEU A 615 15.09 -11.12 10.49
CA LEU A 615 15.88 -9.94 10.78
C LEU A 615 15.07 -8.90 11.55
N TYR A 616 13.76 -8.91 11.35
CA TYR A 616 12.86 -8.02 12.08
C TYR A 616 11.41 -8.54 12.10
N GLN A 617 10.80 -8.47 13.26
CA GLN A 617 9.40 -8.83 13.42
C GLN A 617 8.66 -7.73 14.18
N SER A 618 7.53 -7.31 13.64
CA SER A 618 6.67 -6.33 14.28
C SER A 618 5.81 -6.93 15.37
N PHE A 619 5.80 -6.30 16.54
CA PHE A 619 4.90 -6.71 17.62
C PHE A 619 3.97 -5.54 17.97
N PRO A 620 2.70 -5.85 18.28
CA PRO A 620 1.72 -4.86 18.71
C PRO A 620 2.26 -4.05 19.90
N GLN A 621 2.15 -2.74 19.82
CA GLN A 621 2.69 -1.87 20.86
C GLN A 621 1.83 -0.63 21.05
N ALA A 622 0.51 -0.81 20.98
CA ALA A 622 -0.43 0.26 21.27
C ALA A 622 -0.30 0.78 22.71
N GLU A 623 -0.32 2.10 22.87
CA GLU A 623 -0.22 2.71 24.20
C GLU A 623 -1.51 3.47 24.52
N ARG A 624 -2.12 3.16 25.66
CA ARG A 624 -3.26 3.92 26.17
C ARG A 624 -2.92 5.42 26.24
N ALA A 625 -3.58 6.22 25.41
CA ALA A 625 -3.25 7.65 25.32
C ALA A 625 -4.30 8.53 25.97
N VAL A 626 -5.56 8.38 25.55
CA VAL A 626 -6.69 9.09 26.16
C VAL A 626 -7.72 8.07 26.64
N PRO A 627 -8.60 8.48 27.57
CA PRO A 627 -9.64 7.55 28.06
C PRO A 627 -10.48 7.04 26.89
N ALA A 628 -10.97 5.80 26.97
CA ALA A 628 -11.73 5.18 25.91
C ALA A 628 -13.10 5.84 25.77
N GLN A 629 -13.68 6.20 26.91
CA GLN A 629 -14.95 6.92 26.97
C GLN A 629 -14.87 8.31 26.32
N ALA A 630 -13.75 9.01 26.50
CA ALA A 630 -13.58 10.31 25.85
C ALA A 630 -13.32 10.12 24.36
N ALA A 631 -12.48 9.16 24.01
CA ALA A 631 -12.29 8.79 22.61
C ALA A 631 -13.66 8.46 21.97
N TYR A 632 -14.47 7.69 22.68
CA TYR A 632 -15.78 7.31 22.15
C TYR A 632 -16.70 8.50 21.92
N LEU A 633 -16.82 9.39 22.91
CA LEU A 633 -17.71 10.54 22.79
C LEU A 633 -17.27 11.45 21.65
N THR A 634 -15.97 11.51 21.43
CA THR A 634 -15.45 12.38 20.40
C THR A 634 -15.81 11.82 19.03
N LEU A 635 -15.72 10.50 18.90
CA LEU A 635 -16.02 9.77 17.66
C LEU A 635 -17.50 9.79 17.32
N TRP A 636 -18.32 9.58 18.34
CA TRP A 636 -19.77 9.72 18.25
C TRP A 636 -20.11 11.11 17.72
N THR A 637 -19.40 12.12 18.20
CA THR A 637 -19.69 13.48 17.72
C THR A 637 -19.21 13.64 16.28
N MET A 638 -18.08 13.03 15.97
CA MET A 638 -17.60 13.03 14.58
C MET A 638 -18.53 12.27 13.63
N GLN A 639 -19.36 11.37 14.18
CA GLN A 639 -20.41 10.75 13.38
C GLN A 639 -21.50 11.78 13.10
N GLN A 640 -21.73 12.66 14.08
CA GLN A 640 -22.65 13.78 13.93
C GLN A 640 -22.15 14.75 12.89
N VAL A 641 -20.84 15.05 12.89
CA VAL A 641 -20.38 16.00 11.89
C VAL A 641 -20.63 15.48 10.47
N VAL A 642 -20.56 14.16 10.30
CA VAL A 642 -20.73 13.55 9.00
C VAL A 642 -22.22 13.37 8.63
N GLN A 643 -23.07 13.24 9.64
CA GLN A 643 -24.51 13.07 9.39
C GLN A 643 -25.24 14.41 9.28
N ARG A 644 -24.97 15.35 10.19
CA ARG A 644 -25.71 16.61 10.21
C ARG A 644 -24.83 17.86 10.25
N GLY A 645 -23.52 17.72 10.46
CA GLY A 645 -22.64 18.87 10.51
C GLY A 645 -21.96 19.18 9.19
N THR A 646 -20.74 19.70 9.29
CA THR A 646 -19.97 20.17 8.14
C THR A 646 -19.64 19.07 7.13
N GLY A 647 -19.69 17.82 7.57
CA GLY A 647 -19.35 16.73 6.68
C GLY A 647 -20.59 16.07 6.08
N ARG A 648 -21.72 16.76 6.18
CA ARG A 648 -23.01 16.11 5.89
C ARG A 648 -23.20 15.63 4.45
N GLN A 649 -22.42 16.17 3.52
CA GLN A 649 -22.52 15.71 2.14
C GLN A 649 -22.11 14.24 2.03
N LEU A 650 -21.23 13.82 2.93
CA LEU A 650 -20.77 12.43 2.92
C LEU A 650 -21.76 11.47 3.59
N GLY A 651 -22.47 11.95 4.60
CA GLY A 651 -23.39 11.09 5.34
C GLY A 651 -24.66 10.84 4.54
N ALA A 652 -24.86 11.66 3.51
CA ALA A 652 -26.05 11.57 2.70
C ALA A 652 -25.79 10.55 1.60
N LYS A 653 -24.55 10.53 1.11
CA LYS A 653 -24.15 9.58 0.09
C LYS A 653 -23.87 8.20 0.67
N TYR A 654 -23.26 8.13 1.86
CA TYR A 654 -22.97 6.86 2.47
C TYR A 654 -23.63 6.68 3.84
N PRO A 655 -24.96 6.77 3.89
CA PRO A 655 -25.70 6.71 5.15
C PRO A 655 -25.39 5.45 5.96
N ASN A 656 -25.18 4.33 5.27
CA ASN A 656 -25.02 3.07 5.96
C ASN A 656 -23.61 2.78 6.47
N LEU A 657 -22.68 3.67 6.16
CA LEU A 657 -21.32 3.54 6.68
C LEU A 657 -21.17 4.14 8.07
N HIS A 658 -22.13 4.99 8.46
CA HIS A 658 -22.03 5.75 9.71
C HIS A 658 -20.61 6.25 9.96
N LEU A 659 -20.01 6.86 8.94
CA LEU A 659 -18.65 7.38 9.05
C LEU A 659 -18.54 8.42 10.16
N ALA A 660 -17.38 8.47 10.80
CA ALA A 660 -17.00 9.55 11.69
C ALA A 660 -15.95 10.34 10.94
N GLY A 661 -15.95 11.65 11.12
CA GLY A 661 -15.00 12.44 10.37
C GLY A 661 -14.97 13.87 10.81
N LYS A 662 -13.97 14.58 10.29
CA LYS A 662 -13.80 15.97 10.58
C LYS A 662 -13.29 16.67 9.34
N THR A 663 -14.00 17.73 8.94
CA THR A 663 -13.55 18.64 7.90
C THR A 663 -12.45 19.56 8.43
N GLY A 664 -11.53 19.92 7.54
CA GLY A 664 -10.51 20.89 7.86
C GLY A 664 -10.44 22.01 6.84
N THR A 665 -10.63 23.24 7.30
CA THR A 665 -10.47 24.39 6.42
C THR A 665 -9.58 25.42 7.10
N THR A 666 -8.99 26.29 6.30
CA THR A 666 -8.15 27.39 6.75
C THR A 666 -8.65 28.69 6.11
N ASN A 667 -8.18 29.83 6.62
CA ASN A 667 -8.61 31.11 6.04
C ASN A 667 -8.36 31.16 4.53
N ASN A 668 -9.40 31.47 3.77
CA ASN A 668 -9.34 31.50 2.30
C ASN A 668 -9.08 30.15 1.66
N ASN A 669 -9.31 29.08 2.41
CA ASN A 669 -9.01 27.73 1.94
C ASN A 669 -7.63 27.61 1.29
N VAL A 670 -6.58 28.00 2.02
CA VAL A 670 -5.22 27.69 1.61
C VAL A 670 -5.01 26.17 1.69
N ASP A 671 -5.47 25.57 2.78
CA ASP A 671 -5.41 24.11 3.00
C ASP A 671 -6.79 23.59 3.30
N THR A 672 -7.10 22.42 2.75
CA THR A 672 -8.35 21.75 3.07
C THR A 672 -8.07 20.29 3.35
N TRP A 673 -8.83 19.71 4.25
CA TRP A 673 -8.53 18.40 4.75
C TRP A 673 -9.85 17.75 5.00
N PHE A 674 -9.83 16.41 4.93
CA PHE A 674 -10.85 15.60 5.55
C PHE A 674 -10.20 14.42 6.25
N ALA A 675 -10.71 14.09 7.43
CA ALA A 675 -10.30 12.89 8.14
C ALA A 675 -11.52 12.04 8.33
N GLY A 676 -11.49 10.88 7.69
CA GLY A 676 -12.62 9.97 7.72
C GLY A 676 -12.26 8.66 8.35
N ILE A 677 -13.09 8.25 9.29
CA ILE A 677 -12.88 7.02 10.02
C ILE A 677 -14.02 6.06 9.72
N ASP A 678 -13.70 4.91 9.13
CA ASP A 678 -14.71 3.87 8.95
C ASP A 678 -14.48 2.71 9.91
N GLY A 679 -15.13 1.58 9.66
CA GLY A 679 -15.00 0.43 10.54
C GLY A 679 -13.56 -0.05 10.71
N SER A 680 -12.76 0.11 9.67
CA SER A 680 -11.44 -0.54 9.65
C SER A 680 -10.25 0.40 9.47
N THR A 681 -10.48 1.59 8.92
CA THR A 681 -9.36 2.44 8.62
C THR A 681 -9.63 3.90 8.90
N VAL A 682 -8.55 4.68 8.94
CA VAL A 682 -8.58 6.13 9.05
C VAL A 682 -7.95 6.65 7.76
N THR A 683 -8.67 7.52 7.06
CA THR A 683 -8.12 8.09 5.83
C THR A 683 -7.97 9.59 6.01
N ILE A 684 -6.74 10.08 5.83
CA ILE A 684 -6.50 11.51 5.82
C ILE A 684 -6.33 11.99 4.39
N THR A 685 -7.05 13.05 4.04
CA THR A 685 -6.96 13.61 2.70
C THR A 685 -6.66 15.11 2.83
N TRP A 686 -5.67 15.57 2.07
CA TRP A 686 -5.31 16.96 2.01
C TRP A 686 -5.38 17.43 0.56
N VAL A 687 -5.98 18.59 0.36
CA VAL A 687 -6.03 19.24 -0.95
C VAL A 687 -5.63 20.71 -0.83
N GLY A 688 -4.72 21.14 -1.69
CA GLY A 688 -4.23 22.51 -1.66
C GLY A 688 -3.21 22.73 -2.77
N ARG A 689 -2.56 23.88 -2.77
CA ARG A 689 -1.59 24.22 -3.80
C ARG A 689 -0.17 24.25 -3.23
N ASP A 690 0.81 23.83 -4.03
CA ASP A 690 2.19 23.76 -3.54
C ASP A 690 2.73 25.14 -3.21
N ASN A 691 2.29 26.14 -3.97
CA ASN A 691 2.75 27.52 -3.74
C ASN A 691 2.03 28.19 -2.56
N ASN A 692 1.14 27.47 -1.91
CA ASN A 692 0.48 27.97 -0.70
C ASN A 692 -0.49 29.12 -0.93
N GLN A 693 -1.10 29.18 -2.10
CA GLN A 693 -2.09 30.22 -2.41
C GLN A 693 -3.50 29.66 -2.25
N PRO A 694 -4.50 30.56 -2.13
CA PRO A 694 -5.89 30.13 -2.00
C PRO A 694 -6.32 29.23 -3.16
N THR A 695 -7.11 28.21 -2.86
CA THR A 695 -7.47 27.19 -3.84
C THR A 695 -8.71 27.55 -4.64
N LYS A 696 -9.50 28.48 -4.12
CA LYS A 696 -10.78 28.86 -4.71
C LYS A 696 -11.86 27.81 -4.41
N LEU A 697 -11.44 26.60 -4.05
CA LEU A 697 -12.36 25.58 -3.55
C LEU A 697 -13.15 26.20 -2.41
N TYR A 698 -14.37 25.72 -2.17
CA TYR A 698 -15.11 26.24 -1.02
C TYR A 698 -15.51 25.22 0.04
N GLY A 699 -15.05 25.46 1.26
CA GLY A 699 -15.23 24.52 2.36
C GLY A 699 -14.30 23.33 2.21
N ALA A 700 -14.59 22.28 2.97
CA ALA A 700 -13.79 21.07 2.88
C ALA A 700 -14.29 20.19 1.71
N SER A 701 -15.09 20.79 0.84
CA SER A 701 -15.70 20.08 -0.28
C SER A 701 -14.69 19.46 -1.25
N GLY A 702 -13.49 20.03 -1.31
CA GLY A 702 -12.44 19.51 -2.18
C GLY A 702 -11.82 18.25 -1.63
N ALA A 703 -11.53 18.26 -0.34
CA ALA A 703 -10.97 17.09 0.31
C ALA A 703 -12.05 16.01 0.49
N MET A 704 -13.29 16.44 0.69
CA MET A 704 -14.42 15.51 0.81
C MET A 704 -14.86 14.91 -0.53
N SER A 705 -14.52 15.59 -1.62
CA SER A 705 -14.83 15.02 -2.94
C SER A 705 -13.83 13.92 -3.31
N ILE A 706 -12.56 14.14 -2.94
CA ILE A 706 -11.50 13.17 -3.18
C ILE A 706 -11.76 11.94 -2.33
N TYR A 707 -12.10 12.16 -1.06
CA TYR A 707 -12.40 11.09 -0.14
C TYR A 707 -13.63 10.33 -0.59
N GLN A 708 -14.63 11.06 -1.07
CA GLN A 708 -15.87 10.42 -1.51
C GLN A 708 -15.59 9.49 -2.68
N ARG A 709 -14.70 9.90 -3.59
CA ARG A 709 -14.29 9.04 -4.70
C ARG A 709 -13.49 7.85 -4.17
N TYR A 710 -12.67 8.10 -3.16
CA TYR A 710 -11.96 7.01 -2.52
C TYR A 710 -12.94 5.97 -1.99
N LEU A 711 -13.98 6.42 -1.31
CA LEU A 711 -14.97 5.50 -0.75
C LEU A 711 -15.68 4.71 -1.84
N ALA A 712 -15.88 5.35 -2.99
CA ALA A 712 -16.61 4.71 -4.08
C ALA A 712 -15.76 3.72 -4.87
N ASN A 713 -14.44 3.87 -4.80
CA ASN A 713 -13.53 3.05 -5.59
C ASN A 713 -13.19 1.72 -4.92
N GLN A 714 -13.60 1.58 -3.67
CA GLN A 714 -13.43 0.32 -2.95
C GLN A 714 -14.68 -0.03 -2.18
N THR A 715 -14.55 -0.93 -1.20
CA THR A 715 -15.71 -1.33 -0.41
C THR A 715 -15.44 -1.03 1.05
N PRO A 716 -15.90 0.14 1.51
CA PRO A 716 -15.64 0.62 2.86
C PRO A 716 -16.34 -0.23 3.90
N THR A 717 -15.73 -0.31 5.09
CA THR A 717 -16.31 -1.07 6.19
C THR A 717 -17.17 -0.15 7.02
N PRO A 718 -18.43 -0.55 7.27
CA PRO A 718 -19.25 0.32 8.12
C PRO A 718 -18.66 0.51 9.50
N LEU A 719 -18.79 1.73 10.01
CA LEU A 719 -18.39 2.02 11.36
C LEU A 719 -19.54 1.73 12.31
N ASN A 720 -19.40 0.68 13.10
CA ASN A 720 -20.35 0.39 14.16
C ASN A 720 -19.68 0.56 15.52
N LEU A 721 -19.81 1.76 16.08
CA LEU A 721 -19.15 2.15 17.31
C LEU A 721 -19.67 1.41 18.51
N VAL A 722 -18.83 0.54 19.07
CA VAL A 722 -19.19 -0.17 20.29
C VAL A 722 -18.79 0.66 21.50
N PRO A 723 -19.77 1.06 22.32
CA PRO A 723 -19.51 1.87 23.50
C PRO A 723 -18.66 1.12 24.52
N PRO A 724 -17.58 1.75 25.00
CA PRO A 724 -16.76 1.17 26.08
C PRO A 724 -17.56 1.14 27.38
N GLU A 725 -16.93 0.77 28.48
CA GLU A 725 -17.62 0.67 29.76
C GLU A 725 -18.06 2.04 30.27
N ASP A 726 -19.15 2.05 31.02
CA ASP A 726 -19.58 3.28 31.68
C ASP A 726 -20.03 4.36 30.70
N ILE A 727 -20.57 3.93 29.55
CA ILE A 727 -21.23 4.84 28.64
C ILE A 727 -22.73 4.58 28.71
N ALA A 728 -23.52 5.62 28.94
CA ALA A 728 -24.97 5.50 29.03
C ALA A 728 -25.68 6.56 28.18
N ASP A 729 -26.72 6.13 27.46
CA ASP A 729 -27.52 7.04 26.62
C ASP A 729 -28.55 7.72 27.49
N MET A 730 -28.53 9.06 27.50
CA MET A 730 -29.36 9.82 28.43
C MET A 730 -30.13 10.91 27.71
N GLY A 731 -31.37 11.12 28.14
CA GLY A 731 -32.20 12.15 27.55
C GLY A 731 -31.94 13.49 28.20
N VAL A 732 -31.99 14.55 27.40
CA VAL A 732 -31.95 15.91 27.91
C VAL A 732 -33.14 16.67 27.37
N ASP A 733 -33.61 17.66 28.11
CA ASP A 733 -34.70 18.49 27.59
C ASP A 733 -34.12 19.64 26.76
N TYR A 734 -34.97 20.54 26.30
CA TYR A 734 -34.52 21.63 25.44
C TYR A 734 -33.57 22.57 26.19
N ASP A 735 -33.79 22.74 27.49
CA ASP A 735 -32.87 23.51 28.31
C ASP A 735 -31.50 22.85 28.42
N GLY A 736 -31.41 21.58 28.03
CA GLY A 736 -30.14 20.84 28.06
C GLY A 736 -29.92 20.07 29.35
N ASN A 737 -30.93 20.04 30.20
CA ASN A 737 -30.84 19.33 31.48
C ASN A 737 -31.21 17.86 31.32
N PHE A 738 -30.54 16.97 32.03
CA PHE A 738 -30.88 15.56 31.97
C PHE A 738 -32.28 15.29 32.54
N VAL A 739 -32.94 14.28 31.99
CA VAL A 739 -34.27 13.88 32.46
C VAL A 739 -34.28 12.38 32.73
N CYS A 740 -35.08 11.94 33.70
CA CYS A 740 -35.17 10.52 34.03
C CYS A 740 -35.71 9.69 32.87
N SER A 741 -36.87 10.09 32.35
CA SER A 741 -37.45 9.43 31.19
C SER A 741 -37.89 10.47 30.17
N GLY A 742 -37.86 10.09 28.90
CA GLY A 742 -38.18 11.02 27.84
C GLY A 742 -36.95 11.82 27.47
N GLY A 743 -37.16 13.09 27.15
CA GLY A 743 -36.10 13.92 26.63
C GLY A 743 -36.26 14.00 25.12
N MET A 744 -36.06 15.17 24.55
CA MET A 744 -36.23 15.33 23.11
C MET A 744 -34.95 15.01 22.35
N ARG A 745 -33.89 14.78 23.11
CA ARG A 745 -32.59 14.48 22.52
C ARG A 745 -31.84 13.51 23.42
N ILE A 746 -31.19 12.52 22.80
CA ILE A 746 -30.49 11.49 23.55
C ILE A 746 -29.01 11.58 23.24
N LEU A 747 -28.19 11.65 24.29
CA LEU A 747 -26.74 11.78 24.15
C LEU A 747 -26.05 10.76 25.03
N PRO A 748 -25.00 10.09 24.50
CA PRO A 748 -24.21 9.20 25.35
C PRO A 748 -23.45 10.00 26.40
N VAL A 749 -23.31 9.42 27.59
CA VAL A 749 -22.71 10.09 28.73
C VAL A 749 -21.76 9.12 29.45
N TRP A 750 -20.54 9.58 29.73
CA TRP A 750 -19.58 8.83 30.52
C TRP A 750 -20.01 8.87 31.99
N THR A 751 -20.56 7.77 32.48
CA THR A 751 -21.12 7.70 33.82
C THR A 751 -21.30 6.23 34.19
N SER A 752 -21.04 5.90 35.45
CA SER A 752 -21.27 4.54 35.94
C SER A 752 -22.57 4.50 36.72
N ASP A 753 -23.30 5.60 36.68
CA ASP A 753 -24.55 5.73 37.43
C ASP A 753 -25.41 6.85 36.85
N PRO A 754 -26.03 6.62 35.69
CA PRO A 754 -26.84 7.63 35.00
C PRO A 754 -27.78 8.41 35.91
N GLN A 755 -27.70 8.23 37.22
CA GLN A 755 -28.54 9.00 38.14
C GLN A 755 -27.99 10.39 38.50
N SER A 756 -27.26 10.97 37.55
CA SER A 756 -27.01 12.39 37.57
C SER A 756 -28.27 13.07 37.01
N LEU A 757 -29.28 12.27 36.68
CA LEU A 757 -30.55 12.84 36.21
C LEU A 757 -31.59 13.04 37.29
N CYS A 758 -31.55 12.21 38.33
CA CYS A 758 -32.41 12.43 39.49
C CYS A 758 -31.96 13.73 40.13
N GLN A 759 -30.66 13.98 40.02
CA GLN A 759 -30.05 15.19 40.55
C GLN A 759 -30.44 16.38 39.69
N GLN A 760 -30.31 16.22 38.37
CA GLN A 760 -30.68 17.29 37.45
C GLN A 760 -32.16 17.65 37.63
N SER A 761 -33.02 16.63 37.66
CA SER A 761 -34.46 16.82 37.76
C SER A 761 -34.92 17.54 39.03
N GLU A 762 -34.13 17.47 40.09
CA GLU A 762 -34.55 18.01 41.39
C GLU A 762 -34.37 19.53 41.48
N MET A 763 -34.35 20.20 40.34
CA MET A 763 -34.28 21.66 40.31
C MET A 763 -35.60 22.27 40.77
N GLN A 764 -36.69 21.90 40.08
CA GLN A 764 -38.03 22.34 40.43
C GLN A 764 -38.08 23.83 40.78
ODF M0E B . 30.68 -14.80 -31.31
CDG M0E B . 29.61 -14.12 -30.78
CDH M0E B . 28.63 -15.01 -30.08
ODI M0E B . 27.67 -15.45 -30.69
ODJ M0E B . 28.82 -15.37 -28.75
CDK M0E B . 30.00 -12.88 -29.99
OBF M0E B . 29.17 -11.75 -30.04
PBI M0E B . 28.13 -11.48 -28.87
OBB M0E B . 27.51 -10.06 -29.00
OAZ M0E B . 28.81 -11.61 -27.54
OBG M0E B . 26.96 -12.57 -28.96
CAX M0E B . 25.74 -12.19 -29.55
OBE M0E B . 25.61 -12.40 -31.00
CAQ M0E B . 25.24 -13.75 -31.36
CAW M0E B . 25.48 -14.17 -32.79
OBD M0E B . 26.20 -15.12 -33.05
NAU M0E B . 24.93 -13.38 -33.87
CAO M0E B . 23.89 -14.05 -30.76
OBA M0E B . 23.62 -15.33 -31.27
CAS M0E B . 23.01 -12.99 -31.36
CAP M0E B . 23.97 -14.07 -29.27
OBH M0E B . 22.88 -14.64 -28.62
CAV M0E B . 23.02 -15.09 -27.44
OBC M0E B . 24.16 -15.18 -26.93
NAT M0E B . 21.85 -15.44 -26.68
CAR M0E B . 24.44 -12.68 -28.77
O1 M0E B . 24.54 -12.52 -27.34
C1 M0E B . 23.62 -11.49 -26.90
C2 M0E B . 23.09 -11.61 -25.39
C3 M0E B . 22.16 -10.34 -24.94
O3 M0E B . 21.89 -10.23 -23.60
N2 M0E B . 22.57 -12.91 -25.01
CAG M0E B . 23.12 -13.60 -23.86
CAH M0E B . 22.45 -14.85 -23.36
OAN M0E B . 24.11 -13.17 -23.29
O5 M0E B . 24.02 -10.13 -27.19
C5 M0E B . 22.89 -9.29 -27.13
C6 M0E B . 22.74 -8.16 -28.17
O6 M0E B . 23.82 -7.23 -28.23
CBJ M0E B . 24.36 -6.83 -29.49
OBS M0E B . 24.36 -7.80 -30.53
CBN M0E B . 24.50 -7.18 -31.83
CBO M0E B . 24.04 -7.95 -33.03
OBT M0E B . 24.56 -9.22 -33.19
CBM M0E B . 25.86 -6.44 -31.94
OBR M0E B . 26.23 -6.00 -33.21
CBL M0E B . 26.01 -5.42 -30.78
OBQ M0E B . 27.10 -4.57 -30.81
CBK M0E B . 25.75 -6.16 -29.44
OBP M0E B . 26.13 -5.56 -28.26
C4 M0E B . 22.54 -9.01 -25.67
O4 M0E B . 21.70 -7.86 -25.44
CBU M0E B . 22.39 -6.71 -24.89
CBV M0E B . 22.00 -5.35 -25.56
CBW M0E B . 22.66 -4.10 -24.88
OCD M0E B . 22.15 -2.89 -25.32
NCC M0E B . 22.05 -5.33 -27.00
CCA M0E B . 20.86 -5.48 -27.81
CCB M0E B . 20.97 -5.44 -29.32
OCG M0E B . 19.80 -5.80 -27.30
OCF M0E B . 22.37 -6.62 -23.47
CBY M0E B . 23.30 -5.64 -22.93
CBZ M0E B . 23.65 -5.80 -21.48
CBX M0E B . 22.88 -4.20 -23.35
OCE M0E B . 23.69 -3.16 -22.78
CCH M0E B . 22.96 -2.28 -21.96
OCP M0E B . 22.15 -1.32 -22.64
CCI M0E B . 23.78 -1.61 -20.83
OCN M0E B . 24.63 -2.46 -20.17
CCJ M0E B . 22.86 -0.74 -19.90
OCO M0E B . 23.46 -0.15 -18.81
CCK M0E B . 21.94 0.18 -20.74
OCR M0E B . 22.52 1.35 -21.21
CCL M0E B . 21.19 -0.66 -21.80
CCM M0E B . 20.02 0.00 -22.47
OCQ M0E B . 19.35 -0.62 -23.29
NCS M0E B . 19.67 1.34 -22.11
#